data_3KKC
#
_entry.id   3KKC
#
_cell.length_a   44.351
_cell.length_b   128.681
_cell.length_c   74.566
_cell.angle_alpha   90.00
_cell.angle_beta   103.23
_cell.angle_gamma   90.00
#
_symmetry.space_group_name_H-M   'P 1 21 1'
#
loop_
_entity.id
_entity.type
_entity.pdbx_description
1 polymer 'TetR family Transcriptional regulator'
2 non-polymer 'NICKEL (II) ION'
3 non-polymer IMIDAZOLE
4 water water
#
_entity_poly.entity_id   1
_entity_poly.type   'polypeptide(L)'
_entity_poly.pdbx_seq_one_letter_code
;SNA(MSE)VKDRQIQKTKVAIYNAFISLLQENDYSKITVQDVIGLANVGRSTFYSHYESKEVLLKELCEDLFHHLFKQGR
DVTFEEYLVHILKHFEQNQDSIATLLLSDDPYFLLRFRSELEHDVYPRLREEYITKVDIPEDFLKQFLLSSFIETLKWWL
HQRQK(MSE)TVEDLLKYYLT(MSE)VER
;
_entity_poly.pdbx_strand_id   A,B,C,D
#
# COMPACT_ATOMS: atom_id res chain seq x y z
N SER A 1 1.55 -40.17 29.51
CA SER A 1 1.47 -41.29 28.58
C SER A 1 2.60 -41.22 27.55
N ASN A 2 2.45 -42.02 26.49
CA ASN A 2 3.40 -42.06 25.38
C ASN A 2 3.07 -41.05 24.29
N ALA A 3 1.91 -40.41 24.43
CA ALA A 3 1.55 -39.29 23.58
C ALA A 3 1.77 -38.02 24.39
N VAL A 5 4.36 -37.59 26.15
CA VAL A 5 5.78 -37.33 25.97
C VAL A 5 6.14 -36.76 24.60
N LYS A 6 5.47 -37.27 23.56
CA LYS A 6 5.64 -36.71 22.22
C LYS A 6 5.13 -35.28 22.15
N ASP A 7 4.02 -34.99 22.82
CA ASP A 7 3.54 -33.62 22.89
C ASP A 7 4.63 -32.77 23.50
N ARG A 8 5.05 -33.13 24.71
CA ARG A 8 6.06 -32.37 25.45
C ARG A 8 7.28 -32.16 24.57
N GLN A 9 7.42 -32.98 23.54
CA GLN A 9 8.56 -32.89 22.66
C GLN A 9 8.34 -31.95 21.46
N ILE A 10 7.09 -31.84 21.01
CA ILE A 10 6.78 -30.91 19.94
C ILE A 10 6.66 -29.52 20.51
N GLN A 11 6.38 -29.44 21.80
CA GLN A 11 6.29 -28.15 22.47
C GLN A 11 7.69 -27.58 22.72
N LYS A 12 8.65 -28.43 23.09
CA LYS A 12 10.02 -27.96 23.25
C LYS A 12 10.68 -27.56 21.93
N THR A 13 10.32 -28.22 20.82
CA THR A 13 10.92 -27.84 19.55
C THR A 13 10.32 -26.54 18.98
N LYS A 14 9.06 -26.24 19.32
CA LYS A 14 8.44 -25.01 18.85
C LYS A 14 9.13 -23.83 19.54
N VAL A 15 9.35 -23.98 20.83
CA VAL A 15 10.08 -22.99 21.62
C VAL A 15 11.52 -22.81 21.15
N ALA A 16 12.19 -23.87 20.73
CA ALA A 16 13.58 -23.74 20.28
C ALA A 16 13.69 -22.78 19.10
N ILE A 17 12.77 -22.93 18.15
CA ILE A 17 12.70 -22.05 17.00
C ILE A 17 12.40 -20.61 17.45
N TYR A 18 11.33 -20.45 18.21
CA TYR A 18 10.96 -19.18 18.78
C TYR A 18 12.20 -18.51 19.35
N ASN A 19 12.86 -19.17 20.30
CA ASN A 19 14.01 -18.56 20.98
C ASN A 19 15.16 -18.26 20.01
N ALA A 20 15.35 -19.12 19.02
CA ALA A 20 16.37 -18.91 17.98
C ALA A 20 16.12 -17.63 17.19
N PHE A 21 14.86 -17.43 16.82
CA PHE A 21 14.44 -16.25 16.08
C PHE A 21 14.74 -14.97 16.87
N ILE A 22 14.49 -14.99 18.17
CA ILE A 22 14.77 -13.86 19.03
C ILE A 22 16.27 -13.57 19.16
N SER A 23 17.06 -14.61 19.35
CA SER A 23 18.49 -14.45 19.56
C SER A 23 19.12 -13.90 18.30
N LEU A 24 18.56 -14.25 17.16
CA LEU A 24 19.09 -13.82 15.87
C LEU A 24 18.64 -12.39 15.54
N LEU A 25 17.56 -11.97 16.20
CA LEU A 25 17.02 -10.65 16.02
C LEU A 25 17.75 -9.67 16.95
N GLN A 26 18.75 -10.18 17.67
CA GLN A 26 19.56 -9.33 18.53
C GLN A 26 20.75 -8.81 17.71
N GLU A 27 21.14 -9.59 16.71
CA GLU A 27 22.28 -9.29 15.86
C GLU A 27 21.90 -8.85 14.45
N ASN A 28 20.68 -9.14 14.01
CA ASN A 28 20.32 -8.90 12.61
C ASN A 28 18.96 -8.24 12.40
N ASP A 29 18.81 -7.60 11.24
CA ASP A 29 17.53 -7.09 10.78
C ASP A 29 16.59 -8.27 10.47
N TYR A 30 15.29 -8.06 10.62
CA TYR A 30 14.30 -9.09 10.27
C TYR A 30 14.38 -9.41 8.79
N SER A 31 14.49 -8.34 8.00
CA SER A 31 14.66 -8.45 6.55
C SER A 31 15.95 -9.22 6.19
N LYS A 32 16.95 -9.16 7.06
CA LYS A 32 18.24 -9.77 6.80
C LYS A 32 18.40 -11.27 7.23
N ILE A 33 17.61 -11.76 8.18
CA ILE A 33 17.74 -13.20 8.53
C ILE A 33 16.97 -14.13 7.59
N THR A 34 17.44 -15.37 7.47
CA THR A 34 16.82 -16.37 6.59
C THR A 34 16.51 -17.66 7.34
N VAL A 35 15.44 -18.35 6.96
CA VAL A 35 15.00 -19.58 7.64
C VAL A 35 16.14 -20.56 7.97
N GLN A 36 17.17 -20.60 7.15
CA GLN A 36 18.31 -21.47 7.42
C GLN A 36 19.11 -21.00 8.63
N ASP A 37 19.15 -19.69 8.83
CA ASP A 37 19.74 -19.15 10.05
C ASP A 37 18.98 -19.71 11.24
N VAL A 38 17.66 -19.64 11.16
CA VAL A 38 16.78 -20.02 12.26
C VAL A 38 16.95 -21.46 12.66
N ILE A 39 17.17 -22.34 11.68
CA ILE A 39 17.43 -23.75 11.95
C ILE A 39 18.79 -23.97 12.59
N GLY A 40 19.82 -23.39 11.98
CA GLY A 40 21.20 -23.50 12.42
C GLY A 40 21.37 -23.29 13.92
N LEU A 41 20.40 -22.63 14.52
CA LEU A 41 20.36 -22.52 15.97
C LEU A 41 19.38 -23.51 16.59
N ALA A 42 18.16 -23.55 16.06
CA ALA A 42 17.12 -24.42 16.62
C ALA A 42 17.50 -25.91 16.58
N ASN A 43 18.34 -26.27 15.61
CA ASN A 43 18.78 -27.65 15.46
C ASN A 43 17.63 -28.53 15.03
N VAL A 44 16.58 -27.88 14.53
CA VAL A 44 15.45 -28.62 13.98
C VAL A 44 15.41 -28.40 12.48
N GLY A 45 15.19 -29.48 11.72
CA GLY A 45 15.28 -29.42 10.28
C GLY A 45 14.21 -28.62 9.57
N ARG A 46 14.44 -28.38 8.28
CA ARG A 46 13.56 -27.60 7.41
C ARG A 46 12.11 -28.09 7.40
N SER A 47 11.92 -29.41 7.42
CA SER A 47 10.59 -30.01 7.30
C SER A 47 9.69 -29.73 8.50
N THR A 48 10.25 -29.84 9.70
CA THR A 48 9.49 -29.65 10.92
C THR A 48 9.18 -28.17 11.21
N PHE A 49 10.17 -27.29 11.02
CA PHE A 49 9.92 -25.85 11.10
C PHE A 49 8.62 -25.54 10.38
N TYR A 50 8.55 -25.90 9.09
CA TYR A 50 7.38 -25.60 8.28
C TYR A 50 6.09 -26.27 8.77
N SER A 51 6.21 -27.15 9.76
CA SER A 51 5.04 -27.79 10.36
C SER A 51 4.50 -26.98 11.54
N HIS A 52 5.22 -25.91 11.90
CA HIS A 52 4.80 -25.02 12.99
C HIS A 52 4.57 -23.59 12.50
N TYR A 53 5.31 -23.21 11.45
CA TYR A 53 5.31 -21.82 10.97
C TYR A 53 5.23 -21.78 9.47
N GLU A 54 4.09 -21.34 8.95
CA GLU A 54 3.89 -21.17 7.52
C GLU A 54 5.09 -20.51 6.81
N SER A 55 5.79 -19.63 7.52
CA SER A 55 6.91 -18.88 6.95
C SER A 55 7.54 -18.01 8.01
N LYS A 56 8.64 -17.34 7.66
CA LYS A 56 9.26 -16.46 8.63
C LYS A 56 8.28 -15.38 9.08
N GLU A 57 7.32 -15.04 8.22
CA GLU A 57 6.49 -13.88 8.50
C GLU A 57 5.60 -14.06 9.71
N VAL A 58 5.17 -15.29 9.94
CA VAL A 58 4.33 -15.53 11.11
C VAL A 58 5.08 -15.62 12.45
N LEU A 59 6.42 -15.64 12.41
CA LEU A 59 7.21 -15.55 13.64
C LEU A 59 7.23 -14.11 14.10
N LEU A 60 7.44 -13.21 13.15
CA LEU A 60 7.44 -11.80 13.47
C LEU A 60 6.09 -11.44 14.05
N LYS A 61 5.04 -11.89 13.37
CA LYS A 61 3.67 -11.62 13.76
C LYS A 61 3.40 -12.16 15.18
N GLU A 62 3.47 -13.48 15.35
CA GLU A 62 3.42 -14.10 16.68
C GLU A 62 4.27 -13.35 17.72
N LEU A 63 5.58 -13.24 17.47
CA LEU A 63 6.47 -12.49 18.36
C LEU A 63 5.84 -11.15 18.80
N CYS A 64 5.82 -10.16 17.92
CA CYS A 64 5.05 -8.93 18.14
C CYS A 64 3.74 -9.13 18.90
N GLU A 65 2.93 -10.06 18.42
CA GLU A 65 1.67 -10.33 19.07
C GLU A 65 1.91 -10.52 20.58
N ASP A 66 2.81 -11.45 20.92
CA ASP A 66 3.31 -11.72 22.28
C ASP A 66 3.92 -10.51 22.97
N LEU A 67 4.90 -9.88 22.32
CA LEU A 67 5.59 -8.74 22.89
C LEU A 67 4.62 -7.61 23.27
N PHE A 68 3.64 -7.35 22.42
CA PHE A 68 2.67 -6.28 22.66
C PHE A 68 1.57 -6.70 23.66
N HIS A 69 1.28 -7.99 23.74
CA HIS A 69 0.34 -8.41 24.75
C HIS A 69 0.98 -8.18 26.10
N HIS A 70 2.26 -8.51 26.25
CA HIS A 70 2.89 -8.30 27.55
C HIS A 70 3.12 -6.83 27.92
N LEU A 71 3.35 -5.97 26.94
CA LEU A 71 3.61 -4.56 27.24
C LEU A 71 2.33 -3.80 27.62
N PHE A 72 1.28 -3.96 26.83
CA PHE A 72 0.12 -3.08 26.92
C PHE A 72 -1.12 -3.80 27.39
N LYS A 73 -1.49 -4.86 26.68
CA LYS A 73 -2.76 -5.54 26.87
C LYS A 73 -2.84 -6.16 28.27
N GLN A 74 -1.99 -5.63 29.15
CA GLN A 74 -2.05 -5.86 30.58
C GLN A 74 -3.24 -5.16 31.25
N GLY A 75 -3.92 -5.87 32.13
CA GLY A 75 -4.86 -5.25 33.04
C GLY A 75 -4.17 -5.05 34.38
N ARG A 76 -2.84 -5.00 34.34
CA ARG A 76 -2.02 -4.87 35.54
C ARG A 76 -2.29 -3.54 36.25
N ASP A 77 -2.97 -3.59 37.39
CA ASP A 77 -3.37 -2.36 38.08
C ASP A 77 -2.18 -1.51 38.58
N VAL A 78 -1.95 -0.41 37.88
CA VAL A 78 -0.88 0.50 38.20
C VAL A 78 -1.25 1.92 37.78
N THR A 79 -0.42 2.89 38.14
CA THR A 79 -0.63 4.26 37.68
C THR A 79 -0.20 4.33 36.23
N PHE A 80 -0.69 5.34 35.52
CA PHE A 80 -0.29 5.55 34.15
C PHE A 80 1.22 5.44 33.96
N GLU A 81 1.99 6.12 34.80
CA GLU A 81 3.45 6.19 34.61
C GLU A 81 4.23 4.97 35.12
N GLU A 82 3.63 4.18 36.02
CA GLU A 82 4.19 2.85 36.32
C GLU A 82 4.15 2.01 35.03
N TYR A 83 3.02 2.11 34.35
CA TYR A 83 2.78 1.47 33.06
C TYR A 83 3.81 1.89 31.98
N LEU A 84 4.05 3.19 31.89
CA LEU A 84 5.10 3.72 31.02
C LEU A 84 6.44 3.13 31.45
N VAL A 85 6.75 3.19 32.74
CA VAL A 85 8.04 2.69 33.21
C VAL A 85 8.28 1.21 32.84
N HIS A 86 7.26 0.37 32.99
CA HIS A 86 7.39 -1.06 32.67
C HIS A 86 7.70 -1.26 31.20
N ILE A 87 7.02 -0.48 30.35
CA ILE A 87 7.30 -0.51 28.92
C ILE A 87 8.76 -0.16 28.68
N LEU A 88 9.19 0.99 29.16
CA LEU A 88 10.58 1.39 29.02
C LEU A 88 11.52 0.36 29.64
N LYS A 89 11.08 -0.34 30.70
CA LYS A 89 11.93 -1.31 31.37
C LYS A 89 12.36 -2.39 30.38
N HIS A 90 11.38 -2.89 29.62
CA HIS A 90 11.64 -3.90 28.61
C HIS A 90 12.59 -3.47 27.52
N PHE A 91 12.54 -2.20 27.14
CA PHE A 91 13.39 -1.74 26.08
C PHE A 91 14.87 -1.70 26.53
N GLU A 92 15.11 -1.33 27.78
CA GLU A 92 16.49 -1.10 28.22
C GLU A 92 17.33 -2.37 28.39
N GLN A 93 16.64 -3.51 28.58
CA GLN A 93 17.29 -4.82 28.64
C GLN A 93 17.17 -5.52 27.29
N ASN A 94 16.36 -4.95 26.40
CA ASN A 94 16.12 -5.55 25.10
C ASN A 94 15.43 -6.89 25.29
N GLN A 95 14.44 -6.89 26.20
CA GLN A 95 13.61 -8.06 26.43
C GLN A 95 13.05 -8.60 25.10
N ASP A 96 13.62 -9.75 24.71
CA ASP A 96 13.34 -10.46 23.46
C ASP A 96 13.63 -9.63 22.22
N SER A 97 14.72 -8.87 22.23
CA SER A 97 15.18 -8.12 21.08
C SER A 97 14.19 -7.01 20.67
N ILE A 98 13.38 -6.56 21.63
CA ILE A 98 12.39 -5.55 21.35
C ILE A 98 13.03 -4.21 20.96
N ALA A 99 14.15 -3.90 21.61
CA ALA A 99 14.95 -2.72 21.29
C ALA A 99 15.51 -2.83 19.89
N THR A 100 16.10 -3.98 19.60
CA THR A 100 16.75 -4.17 18.33
C THR A 100 15.69 -4.19 17.24
N LEU A 101 14.48 -4.58 17.60
CA LEU A 101 13.40 -4.65 16.62
C LEU A 101 13.05 -3.24 16.17
N LEU A 102 13.01 -2.32 17.14
CA LEU A 102 12.65 -0.92 16.92
C LEU A 102 13.75 -0.13 16.23
N LEU A 103 14.99 -0.39 16.63
CA LEU A 103 16.16 0.30 16.10
C LEU A 103 16.52 -0.19 14.68
N SER A 104 15.97 -1.35 14.31
CA SER A 104 16.27 -1.95 13.04
C SER A 104 15.47 -1.23 11.96
N ASP A 105 14.49 -0.44 12.39
CA ASP A 105 13.60 0.23 11.45
C ASP A 105 12.66 -0.71 10.70
N ASP A 106 12.58 -1.98 11.09
CA ASP A 106 11.67 -2.87 10.38
C ASP A 106 10.30 -2.20 10.29
N PRO A 107 9.87 -1.87 9.07
CA PRO A 107 8.64 -1.10 8.86
C PRO A 107 7.41 -1.73 9.58
N TYR A 108 7.33 -3.06 9.55
CA TYR A 108 6.22 -3.79 10.17
C TYR A 108 6.21 -3.68 11.71
N PHE A 109 7.37 -3.81 12.34
CA PHE A 109 7.40 -3.65 13.79
C PHE A 109 7.08 -2.21 14.16
N LEU A 110 7.60 -1.24 13.42
CA LEU A 110 7.36 0.16 13.73
C LEU A 110 5.89 0.54 13.56
N LEU A 111 5.19 -0.25 12.76
CA LEU A 111 3.80 0.04 12.44
C LEU A 111 2.91 -0.46 13.56
N ARG A 112 2.99 -1.75 13.85
CA ARG A 112 2.16 -2.34 14.87
C ARG A 112 2.43 -1.73 16.26
N PHE A 113 3.67 -1.28 16.47
CA PHE A 113 4.05 -0.69 17.73
C PHE A 113 3.42 0.70 17.84
N ARG A 114 3.54 1.51 16.80
CA ARG A 114 2.93 2.83 16.85
C ARG A 114 1.42 2.66 17.08
N SER A 115 0.85 1.59 16.57
CA SER A 115 -0.58 1.40 16.70
C SER A 115 -1.01 1.02 18.12
N GLU A 116 -0.14 0.34 18.85
CA GLU A 116 -0.44 0.01 20.24
C GLU A 116 -0.39 1.26 21.11
N LEU A 117 0.68 2.04 20.94
CA LEU A 117 0.79 3.37 21.52
C LEU A 117 -0.48 4.21 21.30
N GLU A 118 -1.05 4.15 20.11
CA GLU A 118 -2.27 4.90 19.84
C GLU A 118 -3.46 4.44 20.68
N HIS A 119 -3.48 3.16 21.06
CA HIS A 119 -4.66 2.60 21.71
C HIS A 119 -4.51 2.61 23.22
N ASP A 120 -3.29 2.45 23.70
CA ASP A 120 -3.12 2.21 25.13
C ASP A 120 -2.24 3.24 25.81
N VAL A 121 -1.49 4.00 25.04
CA VAL A 121 -0.68 5.06 25.64
C VAL A 121 -1.20 6.49 25.37
N TYR A 122 -1.61 6.74 24.14
CA TYR A 122 -2.01 8.10 23.77
C TYR A 122 -3.22 8.65 24.54
N PRO A 123 -4.33 7.90 24.58
CA PRO A 123 -5.52 8.43 25.23
C PRO A 123 -5.27 8.90 26.66
N ARG A 124 -4.54 8.12 27.46
CA ARG A 124 -4.19 8.59 28.79
C ARG A 124 -3.22 9.78 28.75
N LEU A 125 -2.21 9.70 27.89
CA LEU A 125 -1.23 10.76 27.78
C LEU A 125 -1.92 12.09 27.50
N ARG A 126 -2.97 12.03 26.69
CA ARG A 126 -3.70 13.21 26.26
C ARG A 126 -4.43 13.82 27.45
N GLU A 127 -5.33 13.04 28.02
CA GLU A 127 -6.27 13.50 29.02
C GLU A 127 -5.54 13.95 30.27
N GLU A 128 -4.35 13.41 30.48
CA GLU A 128 -3.71 13.53 31.77
C GLU A 128 -2.52 14.49 31.79
N TYR A 129 -1.93 14.75 30.63
CA TYR A 129 -0.73 15.60 30.61
C TYR A 129 -0.91 16.92 29.86
N ILE A 130 -1.92 16.98 29.01
CA ILE A 130 -2.18 18.17 28.21
C ILE A 130 -3.43 18.85 28.71
N THR A 131 -3.26 20.03 29.29
CA THR A 131 -4.36 20.70 29.96
C THR A 131 -5.05 21.75 29.09
N LYS A 132 -4.25 22.47 28.28
CA LYS A 132 -4.77 23.51 27.39
C LYS A 132 -5.56 22.89 26.24
N VAL A 133 -6.24 23.72 25.47
CA VAL A 133 -6.90 23.20 24.26
C VAL A 133 -6.87 24.22 23.14
N ASP A 134 -5.74 24.90 22.99
CA ASP A 134 -5.58 25.87 21.91
C ASP A 134 -4.70 25.28 20.81
N ILE A 135 -4.31 24.01 20.96
CA ILE A 135 -3.64 23.29 19.90
C ILE A 135 -4.59 22.21 19.39
N PRO A 136 -4.81 22.15 18.07
CA PRO A 136 -5.77 21.19 17.50
C PRO A 136 -5.45 19.77 17.96
N GLU A 137 -6.40 18.86 17.84
CA GLU A 137 -6.23 17.52 18.36
C GLU A 137 -5.28 16.68 17.49
N ASP A 138 -5.37 16.81 16.18
CA ASP A 138 -4.54 15.97 15.31
C ASP A 138 -3.05 16.33 15.41
N PHE A 139 -2.76 17.59 15.68
CA PHE A 139 -1.39 18.02 15.79
C PHE A 139 -0.87 17.50 17.11
N LEU A 140 -1.75 17.53 18.09
CA LEU A 140 -1.45 16.97 19.39
C LEU A 140 -1.13 15.47 19.22
N LYS A 141 -2.04 14.73 18.61
CA LYS A 141 -1.83 13.30 18.52
C LYS A 141 -0.46 13.05 17.93
N GLN A 142 -0.19 13.67 16.76
CA GLN A 142 1.05 13.45 16.01
C GLN A 142 2.33 13.90 16.72
N PHE A 143 2.31 15.06 17.36
CA PHE A 143 3.50 15.51 18.06
C PHE A 143 3.86 14.59 19.25
N LEU A 144 2.84 14.06 19.89
CA LEU A 144 3.00 13.35 21.16
C LEU A 144 3.52 11.93 20.91
N LEU A 145 2.83 11.20 20.04
CA LEU A 145 3.18 9.83 19.71
C LEU A 145 4.54 9.78 19.08
N SER A 146 4.79 10.67 18.13
CA SER A 146 6.06 10.66 17.42
C SER A 146 7.23 11.09 18.32
N SER A 147 6.99 12.03 19.22
CA SER A 147 8.08 12.45 20.10
C SER A 147 8.34 11.38 21.19
N PHE A 148 7.32 10.59 21.51
CA PHE A 148 7.55 9.49 22.41
C PHE A 148 8.46 8.46 21.74
N ILE A 149 8.05 7.98 20.56
CA ILE A 149 8.86 7.01 19.81
C ILE A 149 10.28 7.50 19.60
N GLU A 150 10.43 8.76 19.21
CA GLU A 150 11.76 9.30 18.97
C GLU A 150 12.60 9.52 20.23
N THR A 151 12.00 10.00 21.31
CA THR A 151 12.76 10.07 22.55
C THR A 151 13.36 8.68 22.81
N LEU A 152 12.48 7.68 22.77
CA LEU A 152 12.80 6.28 23.01
C LEU A 152 13.96 5.74 22.15
N LYS A 153 13.86 5.85 20.82
CA LYS A 153 14.96 5.46 19.94
C LYS A 153 16.26 6.11 20.34
N TRP A 154 16.21 7.40 20.61
CA TRP A 154 17.43 8.15 20.89
C TRP A 154 18.12 7.57 22.15
N TRP A 155 17.29 7.29 23.16
CA TRP A 155 17.74 6.77 24.44
C TRP A 155 18.40 5.39 24.26
N LEU A 156 17.81 4.56 23.42
CA LEU A 156 18.35 3.24 23.14
C LEU A 156 19.70 3.27 22.39
N HIS A 157 19.95 4.32 21.60
CA HIS A 157 21.24 4.46 20.91
C HIS A 157 22.29 4.97 21.89
N GLN A 158 21.83 5.43 23.05
CA GLN A 158 22.73 6.01 24.03
C GLN A 158 23.53 4.94 24.76
N ARG A 159 24.84 5.16 24.83
CA ARG A 159 25.78 4.24 25.47
C ARG A 159 25.71 4.44 26.99
N GLN A 160 25.50 5.69 27.40
CA GLN A 160 25.24 5.99 28.80
C GLN A 160 23.83 6.51 28.90
N LYS A 161 22.89 5.65 29.28
CA LYS A 161 21.47 6.00 29.25
C LYS A 161 20.93 6.33 30.63
N THR A 163 18.21 6.59 33.75
CA THR A 163 17.35 5.57 34.31
C THR A 163 16.01 5.73 33.64
N VAL A 164 15.24 4.65 33.52
CA VAL A 164 13.98 4.76 32.81
C VAL A 164 13.13 5.87 33.41
N GLU A 165 13.21 6.03 34.73
CA GLU A 165 12.41 7.04 35.42
C GLU A 165 12.84 8.47 35.08
N ASP A 166 14.14 8.72 35.03
CA ASP A 166 14.65 9.99 34.51
C ASP A 166 14.12 10.31 33.11
N LEU A 167 14.22 9.36 32.18
CA LEU A 167 13.75 9.62 30.83
C LEU A 167 12.24 9.86 30.78
N LEU A 168 11.49 9.08 31.55
CA LEU A 168 10.04 9.25 31.57
C LEU A 168 9.71 10.65 32.10
N LYS A 169 10.57 11.12 32.99
CA LYS A 169 10.40 12.42 33.62
C LYS A 169 10.65 13.53 32.63
N TYR A 170 11.87 13.56 32.09
CA TYR A 170 12.28 14.58 31.14
C TYR A 170 11.37 14.60 29.91
N TYR A 171 10.74 13.48 29.60
CA TYR A 171 9.83 13.49 28.48
C TYR A 171 8.49 14.13 28.87
N LEU A 172 7.96 13.72 30.02
CA LEU A 172 6.67 14.21 30.48
C LEU A 172 6.70 15.72 30.75
N THR A 173 7.81 16.22 31.27
CA THR A 173 7.92 17.65 31.51
C THR A 173 8.03 18.39 30.15
N VAL A 175 6.62 17.63 27.37
CA VAL A 175 5.36 17.64 26.64
C VAL A 175 4.17 18.23 27.39
N GLU A 176 4.20 18.17 28.72
CA GLU A 176 3.05 18.58 29.52
C GLU A 176 2.61 20.00 29.16
N ARG A 177 1.30 20.22 29.21
CA ARG A 177 0.72 21.48 28.74
C ARG A 177 -0.69 21.67 29.28
N SER B 1 34.80 34.85 -30.48
CA SER B 1 34.49 34.23 -29.20
C SER B 1 33.84 32.87 -29.42
N ASN B 2 34.62 31.91 -29.92
CA ASN B 2 34.11 30.56 -30.13
C ASN B 2 34.37 29.69 -28.91
N ALA B 3 35.25 30.15 -28.03
CA ALA B 3 35.45 29.50 -26.74
C ALA B 3 34.43 30.07 -25.78
N VAL B 5 31.56 30.86 -27.00
CA VAL B 5 30.40 30.13 -27.51
C VAL B 5 30.36 28.69 -26.93
N LYS B 6 31.53 28.08 -26.78
CA LYS B 6 31.66 26.72 -26.25
C LYS B 6 31.26 26.64 -24.78
N ASP B 7 31.84 27.51 -23.97
CA ASP B 7 31.43 27.61 -22.58
C ASP B 7 29.92 27.74 -22.51
N ARG B 8 29.36 28.70 -23.24
CA ARG B 8 27.92 28.93 -23.22
C ARG B 8 27.12 27.65 -23.50
N GLN B 9 27.61 26.78 -24.39
CA GLN B 9 26.94 25.50 -24.67
C GLN B 9 27.09 24.46 -23.57
N ILE B 10 28.28 24.42 -22.97
CA ILE B 10 28.54 23.58 -21.82
C ILE B 10 27.53 23.93 -20.73
N GLN B 11 27.54 25.18 -20.32
CA GLN B 11 26.64 25.68 -19.29
C GLN B 11 25.17 25.36 -19.56
N LYS B 12 24.73 25.47 -20.80
CA LYS B 12 23.32 25.30 -21.08
C LYS B 12 22.95 23.84 -20.90
N THR B 13 23.89 22.96 -21.25
CA THR B 13 23.70 21.52 -21.14
C THR B 13 23.68 21.11 -19.67
N LYS B 14 24.68 21.59 -18.94
CA LYS B 14 24.80 21.32 -17.52
C LYS B 14 23.52 21.66 -16.75
N VAL B 15 22.97 22.85 -16.92
CA VAL B 15 21.78 23.15 -16.15
C VAL B 15 20.61 22.38 -16.74
N ALA B 16 20.67 22.10 -18.04
CA ALA B 16 19.62 21.30 -18.66
C ALA B 16 19.42 19.91 -17.99
N ILE B 17 20.53 19.27 -17.63
CA ILE B 17 20.51 18.04 -16.86
C ILE B 17 20.06 18.27 -15.42
N TYR B 18 20.68 19.27 -14.79
CA TYR B 18 20.37 19.62 -13.41
C TYR B 18 18.86 19.83 -13.28
N ASN B 19 18.25 20.51 -14.25
CA ASN B 19 16.82 20.78 -14.19
C ASN B 19 15.99 19.51 -14.32
N ALA B 20 16.38 18.67 -15.27
CA ALA B 20 15.79 17.34 -15.45
C ALA B 20 15.83 16.51 -14.14
N PHE B 21 16.98 16.49 -13.50
CA PHE B 21 17.18 15.74 -12.26
C PHE B 21 16.16 16.20 -11.21
N ILE B 22 16.10 17.51 -10.99
CA ILE B 22 15.09 18.10 -10.12
C ILE B 22 13.68 17.66 -10.56
N SER B 23 13.39 17.74 -11.85
CA SER B 23 12.06 17.36 -12.34
C SER B 23 11.70 15.92 -11.99
N LEU B 24 12.59 14.97 -12.30
CA LEU B 24 12.38 13.56 -11.94
C LEU B 24 12.16 13.35 -10.42
N LEU B 25 12.78 14.19 -9.60
CA LEU B 25 12.68 14.10 -8.15
C LEU B 25 11.31 14.52 -7.65
N GLN B 26 10.54 15.18 -8.50
CA GLN B 26 9.24 15.67 -8.04
C GLN B 26 8.25 14.53 -7.76
N GLU B 27 8.50 13.37 -8.38
CA GLU B 27 7.60 12.22 -8.30
C GLU B 27 8.37 11.01 -7.80
N ASN B 28 9.04 10.34 -8.71
CA ASN B 28 9.98 9.29 -8.36
C ASN B 28 10.98 9.76 -7.31
N ASP B 29 11.52 8.83 -6.52
CA ASP B 29 12.50 9.24 -5.53
C ASP B 29 13.93 8.82 -5.90
N TYR B 30 14.89 9.38 -5.18
CA TYR B 30 16.28 9.37 -5.65
C TYR B 30 16.79 8.00 -6.09
N SER B 31 16.59 6.97 -5.26
CA SER B 31 17.17 5.64 -5.52
C SER B 31 16.63 4.95 -6.77
N LYS B 32 15.46 5.39 -7.22
CA LYS B 32 14.73 4.76 -8.33
C LYS B 32 14.95 5.49 -9.68
N ILE B 33 15.81 6.51 -9.67
CA ILE B 33 16.13 7.32 -10.84
C ILE B 33 17.40 6.84 -11.58
N THR B 34 17.38 6.93 -12.91
CA THR B 34 18.54 6.53 -13.72
C THR B 34 19.06 7.58 -14.69
N VAL B 35 20.27 7.32 -15.20
CA VAL B 35 20.90 8.15 -16.22
C VAL B 35 20.05 8.16 -17.49
N GLN B 36 19.48 7.00 -17.83
CA GLN B 36 18.51 6.90 -18.91
C GLN B 36 17.46 7.98 -18.78
N ASP B 37 16.79 8.03 -17.62
CA ASP B 37 15.68 8.95 -17.41
C ASP B 37 16.10 10.43 -17.40
N VAL B 38 17.27 10.71 -16.84
CA VAL B 38 17.77 12.07 -16.80
C VAL B 38 18.11 12.54 -18.21
N ILE B 39 18.72 11.67 -18.99
CA ILE B 39 19.17 12.09 -20.31
C ILE B 39 18.01 12.12 -21.28
N GLY B 40 17.03 11.25 -21.07
CA GLY B 40 15.81 11.29 -21.88
C GLY B 40 15.12 12.62 -21.75
N LEU B 41 15.06 13.13 -20.52
CA LEU B 41 14.37 14.38 -20.26
C LEU B 41 15.26 15.56 -20.62
N ALA B 42 16.55 15.45 -20.28
CA ALA B 42 17.49 16.52 -20.54
C ALA B 42 17.86 16.54 -22.02
N ASN B 43 17.36 15.55 -22.74
CA ASN B 43 17.63 15.37 -24.17
C ASN B 43 19.12 15.45 -24.48
N VAL B 44 19.90 14.53 -23.91
CA VAL B 44 21.35 14.56 -24.03
C VAL B 44 21.90 13.15 -24.23
N GLY B 45 23.14 13.06 -24.73
CA GLY B 45 23.83 11.78 -24.92
C GLY B 45 24.45 11.23 -23.63
N ARG B 46 24.57 9.89 -23.52
CA ARG B 46 25.19 9.35 -22.32
C ARG B 46 26.61 9.80 -22.15
N SER B 47 27.35 9.93 -23.25
CA SER B 47 28.74 10.39 -23.14
C SER B 47 28.80 11.82 -22.62
N THR B 48 27.84 12.63 -23.03
CA THR B 48 27.89 13.98 -22.60
C THR B 48 27.46 14.04 -21.13
N PHE B 49 26.40 13.33 -20.75
CA PHE B 49 26.05 13.29 -19.34
C PHE B 49 27.25 12.95 -18.46
N TYR B 50 28.16 12.10 -18.93
CA TYR B 50 29.26 11.63 -18.07
C TYR B 50 30.45 12.55 -18.02
N SER B 51 30.56 13.42 -19.01
CA SER B 51 31.63 14.39 -19.00
C SER B 51 31.23 15.56 -18.11
N HIS B 52 29.97 15.56 -17.67
CA HIS B 52 29.49 16.54 -16.70
C HIS B 52 29.34 16.00 -15.28
N TYR B 53 28.84 14.77 -15.15
CA TYR B 53 28.60 14.22 -13.82
C TYR B 53 29.08 12.81 -13.74
N GLU B 54 29.90 12.54 -12.74
CA GLU B 54 30.39 11.20 -12.55
C GLU B 54 29.24 10.17 -12.47
N SER B 55 28.09 10.60 -11.94
CA SER B 55 27.01 9.65 -11.70
C SER B 55 25.87 10.41 -11.09
N LYS B 56 24.79 9.71 -10.79
CA LYS B 56 23.61 10.38 -10.30
C LYS B 56 23.86 10.90 -8.89
N GLU B 57 25.00 10.55 -8.30
CA GLU B 57 25.31 10.92 -6.91
C GLU B 57 25.86 12.31 -6.83
N VAL B 58 26.72 12.66 -7.79
CA VAL B 58 27.25 13.99 -7.75
C VAL B 58 26.14 15.00 -8.02
N LEU B 59 25.04 14.55 -8.62
CA LEU B 59 23.85 15.39 -8.77
C LEU B 59 23.15 15.63 -7.44
N LEU B 60 22.92 14.54 -6.70
CA LEU B 60 22.32 14.63 -5.38
C LEU B 60 23.19 15.52 -4.51
N LYS B 61 24.50 15.35 -4.62
CA LYS B 61 25.44 16.12 -3.83
C LYS B 61 25.15 17.58 -4.11
N GLU B 62 25.43 17.98 -5.36
CA GLU B 62 25.29 19.35 -5.76
C GLU B 62 23.88 19.91 -5.50
N LEU B 63 22.84 19.15 -5.82
CA LEU B 63 21.50 19.64 -5.55
C LEU B 63 21.42 20.01 -4.06
N CYS B 64 22.06 19.20 -3.22
CA CYS B 64 21.98 19.37 -1.77
C CYS B 64 22.77 20.58 -1.25
N GLU B 65 23.98 20.82 -1.75
CA GLU B 65 24.71 22.01 -1.33
C GLU B 65 23.89 23.25 -1.70
N ASP B 66 23.18 23.16 -2.83
CA ASP B 66 22.43 24.29 -3.39
C ASP B 66 21.22 24.63 -2.52
N LEU B 67 20.43 23.61 -2.21
CA LEU B 67 19.18 23.81 -1.49
C LEU B 67 19.40 24.38 -0.09
N PHE B 68 20.49 23.97 0.55
CA PHE B 68 20.71 24.34 1.94
C PHE B 68 21.37 25.69 2.02
N HIS B 69 22.32 25.94 1.13
CA HIS B 69 22.88 27.26 1.05
C HIS B 69 21.72 28.23 0.96
N HIS B 70 20.81 27.98 0.03
CA HIS B 70 19.62 28.80 -0.10
C HIS B 70 18.75 28.82 1.17
N LEU B 71 18.27 27.66 1.62
CA LEU B 71 17.40 27.58 2.81
C LEU B 71 18.02 28.16 4.07
N PHE B 72 19.25 27.75 4.37
CA PHE B 72 19.92 28.17 5.60
C PHE B 72 20.91 29.32 5.45
N LYS B 73 22.16 28.98 5.15
CA LYS B 73 23.31 29.89 5.30
C LYS B 73 23.20 31.27 4.66
N GLN B 74 21.99 31.64 4.25
CA GLN B 74 21.75 32.98 3.73
C GLN B 74 21.78 34.03 4.84
N GLY B 75 22.60 35.05 4.64
CA GLY B 75 22.73 36.11 5.61
C GLY B 75 21.64 37.15 5.44
N ARG B 76 20.43 36.69 5.16
CA ARG B 76 19.29 37.60 5.02
C ARG B 76 18.95 38.25 6.35
N ASP B 77 18.52 39.50 6.28
CA ASP B 77 18.30 40.31 7.47
C ASP B 77 16.87 40.15 7.98
N VAL B 78 16.54 38.93 8.36
CA VAL B 78 15.22 38.62 8.91
C VAL B 78 15.33 38.16 10.37
N THR B 79 14.21 38.15 11.07
CA THR B 79 14.13 37.58 12.42
C THR B 79 13.91 36.05 12.42
N PHE B 80 14.39 35.39 13.46
CA PHE B 80 14.38 33.94 13.51
C PHE B 80 13.11 33.31 12.96
N GLU B 81 11.97 33.89 13.30
CA GLU B 81 10.71 33.36 12.83
C GLU B 81 10.50 33.52 11.32
N GLU B 82 10.78 34.69 10.78
CA GLU B 82 10.70 34.85 9.32
C GLU B 82 11.53 33.75 8.66
N TYR B 83 12.77 33.62 9.13
CA TYR B 83 13.73 32.60 8.70
C TYR B 83 13.13 31.20 8.52
N LEU B 84 12.40 30.74 9.54
CA LEU B 84 11.74 29.43 9.55
C LEU B 84 10.52 29.44 8.66
N VAL B 85 9.92 30.60 8.47
CA VAL B 85 8.78 30.67 7.57
C VAL B 85 9.26 30.40 6.14
N HIS B 86 10.42 30.97 5.80
CA HIS B 86 11.03 30.79 4.49
C HIS B 86 11.40 29.32 4.26
N ILE B 87 11.85 28.64 5.31
CA ILE B 87 12.22 27.23 5.17
C ILE B 87 10.95 26.43 4.93
N LEU B 88 9.96 26.64 5.78
CA LEU B 88 8.67 25.99 5.61
C LEU B 88 8.04 26.36 4.25
N LYS B 89 8.22 27.60 3.83
CA LYS B 89 7.63 28.03 2.55
C LYS B 89 8.18 27.18 1.40
N HIS B 90 9.49 26.95 1.39
CA HIS B 90 10.06 26.04 0.40
C HIS B 90 9.38 24.67 0.37
N PHE B 91 9.26 24.02 1.53
CA PHE B 91 8.68 22.67 1.58
C PHE B 91 7.20 22.69 1.16
N GLU B 92 6.55 23.81 1.39
CA GLU B 92 5.13 23.89 1.11
C GLU B 92 4.91 23.79 -0.38
N GLN B 93 5.82 24.40 -1.14
CA GLN B 93 5.76 24.51 -2.61
C GLN B 93 6.51 23.40 -3.31
N ASN B 94 7.25 22.60 -2.54
CA ASN B 94 8.13 21.59 -3.10
C ASN B 94 9.17 22.25 -4.00
N GLN B 95 9.76 23.35 -3.54
CA GLN B 95 10.50 24.25 -4.44
C GLN B 95 11.40 23.56 -5.44
N ASP B 96 12.43 22.89 -4.97
CA ASP B 96 13.31 22.20 -5.91
C ASP B 96 13.25 20.71 -5.63
N SER B 97 12.02 20.23 -5.54
CA SER B 97 11.71 18.86 -5.20
C SER B 97 12.03 18.52 -3.73
N ILE B 98 12.29 19.57 -2.95
CA ILE B 98 12.76 19.41 -1.58
C ILE B 98 11.78 18.64 -0.71
N ALA B 99 10.49 18.91 -0.85
CA ALA B 99 9.53 18.16 -0.06
C ALA B 99 9.59 16.68 -0.39
N THR B 100 9.99 16.36 -1.60
CA THR B 100 9.90 14.99 -2.05
C THR B 100 11.14 14.19 -1.62
N LEU B 101 12.30 14.85 -1.67
CA LEU B 101 13.52 14.33 -1.06
C LEU B 101 13.27 13.89 0.39
N LEU B 102 12.69 14.78 1.18
CA LEU B 102 12.47 14.53 2.59
C LEU B 102 11.52 13.36 2.83
N LEU B 103 10.36 13.42 2.19
CA LEU B 103 9.37 12.34 2.26
C LEU B 103 9.83 11.02 1.61
N SER B 104 10.93 11.05 0.88
CA SER B 104 11.42 9.87 0.19
C SER B 104 12.16 8.99 1.16
N ASP B 105 12.70 9.64 2.20
CA ASP B 105 13.41 8.96 3.28
C ASP B 105 14.84 8.66 2.90
N ASP B 106 15.25 9.18 1.76
CA ASP B 106 16.59 8.91 1.27
C ASP B 106 17.65 9.24 2.32
N PRO B 107 18.49 8.25 2.66
CA PRO B 107 19.49 8.55 3.69
C PRO B 107 20.23 9.86 3.44
N TYR B 108 20.75 10.07 2.23
CA TYR B 108 21.71 11.15 1.99
C TYR B 108 21.12 12.52 2.28
N PHE B 109 19.93 12.80 1.75
CA PHE B 109 19.33 14.10 1.93
C PHE B 109 19.09 14.27 3.42
N LEU B 110 18.26 13.39 3.96
CA LEU B 110 17.96 13.40 5.39
C LEU B 110 19.14 13.66 6.32
N LEU B 111 20.24 12.94 6.10
CA LEU B 111 21.44 13.11 6.92
C LEU B 111 22.03 14.52 6.83
N ARG B 112 22.09 15.06 5.62
CA ARG B 112 22.60 16.40 5.37
C ARG B 112 21.66 17.48 5.95
N PHE B 113 20.36 17.21 5.83
CA PHE B 113 19.34 18.12 6.26
C PHE B 113 19.47 18.30 7.77
N ARG B 114 19.28 17.22 8.52
CA ARG B 114 19.42 17.21 9.98
C ARG B 114 20.64 17.96 10.45
N SER B 115 21.76 17.64 9.82
CA SER B 115 23.01 18.30 10.16
C SER B 115 22.90 19.83 10.02
N GLU B 116 22.10 20.30 9.06
CA GLU B 116 21.91 21.74 8.84
C GLU B 116 20.98 22.37 9.90
N LEU B 117 19.86 21.72 10.20
CA LEU B 117 19.04 22.17 11.32
C LEU B 117 19.94 22.29 12.54
N GLU B 118 20.60 21.19 12.90
CA GLU B 118 21.50 21.15 14.04
C GLU B 118 22.36 22.41 14.12
N HIS B 119 22.85 22.85 12.98
CA HIS B 119 23.86 23.90 12.95
C HIS B 119 23.27 25.31 12.88
N ASP B 120 22.12 25.46 12.20
CA ASP B 120 21.57 26.77 11.85
C ASP B 120 20.17 27.05 12.42
N VAL B 121 19.45 26.01 12.83
CA VAL B 121 18.14 26.19 13.45
C VAL B 121 18.11 25.93 14.96
N TYR B 122 18.84 24.94 15.43
CA TYR B 122 18.73 24.50 16.83
C TYR B 122 19.27 25.47 17.86
N PRO B 123 20.47 26.02 17.62
CA PRO B 123 21.00 27.03 18.54
C PRO B 123 20.00 28.17 18.87
N ARG B 124 19.45 28.85 17.88
CA ARG B 124 18.48 29.92 18.15
C ARG B 124 17.14 29.40 18.68
N LEU B 125 16.65 28.30 18.11
CA LEU B 125 15.36 27.77 18.54
C LEU B 125 15.36 27.54 20.05
N ARG B 126 16.46 26.99 20.56
CA ARG B 126 16.57 26.66 21.99
C ARG B 126 16.78 27.90 22.85
N GLU B 127 17.63 28.81 22.39
CA GLU B 127 17.88 30.03 23.13
C GLU B 127 16.60 30.89 23.20
N GLU B 128 15.93 31.01 22.07
CA GLU B 128 14.78 31.90 21.94
C GLU B 128 13.51 31.37 22.61
N TYR B 129 13.41 30.04 22.76
CA TYR B 129 12.10 29.43 23.06
C TYR B 129 12.12 28.51 24.26
N ILE B 130 13.32 28.26 24.76
CA ILE B 130 13.50 27.40 25.92
C ILE B 130 14.17 28.20 27.05
N THR B 131 13.44 28.35 28.14
CA THR B 131 13.91 29.16 29.26
C THR B 131 13.79 28.37 30.56
N LYS B 132 14.38 27.18 30.59
CA LYS B 132 14.29 26.30 31.74
C LYS B 132 15.32 25.17 31.71
N VAL B 133 16.41 25.36 32.45
CA VAL B 133 17.40 24.30 32.61
C VAL B 133 16.86 23.17 33.48
N ASP B 134 15.55 22.96 33.40
CA ASP B 134 14.92 21.83 34.05
C ASP B 134 15.34 20.52 33.34
N ILE B 135 15.76 20.65 32.08
CA ILE B 135 16.04 19.50 31.23
C ILE B 135 17.52 19.53 30.79
N PRO B 136 18.17 18.36 30.72
CA PRO B 136 19.57 18.33 30.28
C PRO B 136 19.68 18.68 28.81
N GLU B 137 20.80 19.28 28.41
CA GLU B 137 20.94 19.79 27.05
C GLU B 137 20.70 18.74 25.95
N ASP B 138 21.50 17.67 25.96
CA ASP B 138 21.40 16.62 24.95
C ASP B 138 19.96 16.12 24.77
N PHE B 139 19.25 15.89 25.86
CA PHE B 139 17.85 15.50 25.74
C PHE B 139 17.08 16.61 25.05
N LEU B 140 17.30 17.85 25.50
CA LEU B 140 16.67 19.03 24.91
C LEU B 140 16.87 19.07 23.40
N LYS B 141 18.11 18.85 22.96
CA LYS B 141 18.52 18.95 21.55
C LYS B 141 17.92 17.86 20.68
N GLN B 142 18.01 16.62 21.15
CA GLN B 142 17.38 15.50 20.46
C GLN B 142 15.88 15.73 20.26
N PHE B 143 15.22 16.28 21.27
CA PHE B 143 13.78 16.39 21.26
C PHE B 143 13.24 17.47 20.32
N LEU B 144 13.92 18.62 20.31
CA LEU B 144 13.54 19.76 19.47
C LEU B 144 13.71 19.41 17.99
N LEU B 145 14.92 18.98 17.62
CA LEU B 145 15.26 18.53 16.26
C LEU B 145 14.32 17.44 15.69
N SER B 146 14.08 16.38 16.45
CA SER B 146 13.15 15.36 16.01
C SER B 146 11.74 15.91 15.89
N SER B 147 11.30 16.68 16.88
CA SER B 147 9.94 17.21 16.80
C SER B 147 9.79 18.08 15.53
N PHE B 148 10.82 18.84 15.21
CA PHE B 148 10.74 19.71 14.06
C PHE B 148 10.62 18.89 12.79
N ILE B 149 11.62 18.03 12.56
CA ILE B 149 11.70 17.22 11.36
C ILE B 149 10.44 16.39 11.13
N GLU B 150 9.89 15.84 12.21
CA GLU B 150 8.73 14.98 12.11
C GLU B 150 7.45 15.77 11.95
N THR B 151 7.38 16.93 12.61
CA THR B 151 6.23 17.80 12.42
C THR B 151 6.28 18.23 10.94
N LEU B 152 7.47 18.60 10.49
CA LEU B 152 7.64 18.89 9.08
C LEU B 152 7.09 17.71 8.24
N LYS B 153 7.62 16.49 8.45
CA LYS B 153 7.20 15.34 7.66
C LYS B 153 5.71 15.12 7.77
N TRP B 154 5.17 15.33 8.97
CA TRP B 154 3.76 15.02 9.19
C TRP B 154 2.87 15.96 8.38
N TRP B 155 3.27 17.23 8.39
CA TRP B 155 2.54 18.29 7.73
C TRP B 155 2.50 17.98 6.25
N LEU B 156 3.66 17.62 5.71
CA LEU B 156 3.80 17.29 4.29
C LEU B 156 2.98 16.08 3.84
N HIS B 157 2.74 15.11 4.73
CA HIS B 157 1.92 13.98 4.32
C HIS B 157 0.46 14.30 4.42
N GLN B 158 0.15 15.51 4.83
CA GLN B 158 -1.26 15.88 4.98
C GLN B 158 -1.99 16.10 3.65
N ARG B 159 -3.19 15.52 3.56
CA ARG B 159 -4.05 15.67 2.42
C ARG B 159 -4.45 17.12 2.16
N GLN B 160 -5.06 17.77 3.16
CA GLN B 160 -5.32 19.21 3.08
C GLN B 160 -4.47 19.95 4.09
N LYS B 161 -3.25 20.31 3.68
CA LYS B 161 -2.29 20.95 4.57
C LYS B 161 -2.79 22.25 5.24
N THR B 163 -1.75 26.11 6.87
CA THR B 163 -0.86 27.18 6.44
C THR B 163 0.47 27.10 7.19
N VAL B 164 1.54 27.53 6.54
CA VAL B 164 2.84 27.52 7.19
C VAL B 164 2.80 28.36 8.47
N GLU B 165 1.87 29.31 8.54
CA GLU B 165 1.78 30.13 9.73
C GLU B 165 1.24 29.30 10.89
N ASP B 166 0.11 28.63 10.65
CA ASP B 166 -0.48 27.80 11.70
C ASP B 166 0.48 26.72 12.16
N LEU B 167 1.22 26.13 11.23
CA LEU B 167 2.10 25.03 11.60
C LEU B 167 3.23 25.51 12.50
N LEU B 168 3.98 26.51 12.03
CA LEU B 168 5.06 27.06 12.85
C LEU B 168 4.54 27.47 14.23
N LYS B 169 3.36 28.10 14.26
CA LYS B 169 2.77 28.57 15.51
C LYS B 169 2.49 27.44 16.50
N TYR B 170 1.77 26.42 16.04
CA TYR B 170 1.45 25.27 16.87
C TYR B 170 2.73 24.52 17.26
N TYR B 171 3.69 24.46 16.35
CA TYR B 171 4.96 23.84 16.70
C TYR B 171 5.57 24.60 17.86
N LEU B 172 5.69 25.91 17.70
CA LEU B 172 6.40 26.77 18.65
C LEU B 172 5.72 26.89 20.02
N THR B 173 4.41 27.07 20.03
CA THR B 173 3.70 27.05 21.29
C THR B 173 3.66 25.66 21.95
N VAL B 175 6.68 23.53 22.01
CA VAL B 175 7.97 23.30 22.65
C VAL B 175 8.33 24.37 23.65
N GLU B 176 7.73 25.56 23.47
CA GLU B 176 7.92 26.72 24.34
C GLU B 176 7.70 26.40 25.81
N ARG B 177 8.79 26.06 26.52
CA ARG B 177 8.70 25.62 27.92
C ARG B 177 9.43 26.58 28.87
N ASN C 2 5.84 13.23 -55.55
CA ASN C 2 5.35 11.86 -55.59
C ASN C 2 5.51 11.11 -54.26
N ALA C 3 6.40 11.59 -53.40
CA ALA C 3 6.70 10.92 -52.13
C ALA C 3 5.68 11.21 -51.03
N VAL C 5 2.42 12.02 -51.43
CA VAL C 5 1.20 11.29 -51.79
C VAL C 5 1.37 9.79 -51.59
N LYS C 6 2.60 9.30 -51.66
CA LYS C 6 2.87 7.90 -51.38
C LYS C 6 2.79 7.59 -49.90
N ASP C 7 3.35 8.45 -49.06
CA ASP C 7 3.26 8.23 -47.62
C ASP C 7 1.81 8.21 -47.18
N ARG C 8 1.16 9.33 -47.44
CA ARG C 8 -0.26 9.51 -47.22
C ARG C 8 -1.08 8.30 -47.65
N GLN C 9 -0.60 7.58 -48.66
CA GLN C 9 -1.28 6.39 -49.14
C GLN C 9 -1.11 5.23 -48.17
N ILE C 10 0.13 4.99 -47.72
CA ILE C 10 0.39 3.91 -46.76
C ILE C 10 -0.16 4.26 -45.37
N GLN C 11 -0.13 5.55 -45.03
CA GLN C 11 -0.70 6.04 -43.78
C GLN C 11 -2.17 5.72 -43.73
N LYS C 12 -2.83 5.79 -44.87
CA LYS C 12 -4.27 5.60 -44.90
C LYS C 12 -4.62 4.15 -44.73
N THR C 13 -3.69 3.28 -45.12
CA THR C 13 -3.89 1.85 -44.91
C THR C 13 -3.54 1.48 -43.46
N LYS C 14 -2.53 2.15 -42.91
CA LYS C 14 -2.19 1.94 -41.52
C LYS C 14 -3.41 2.21 -40.66
N VAL C 15 -4.07 3.34 -40.95
CA VAL C 15 -5.20 3.78 -40.17
C VAL C 15 -6.44 2.93 -40.44
N ALA C 16 -6.45 2.22 -41.56
CA ALA C 16 -7.57 1.33 -41.85
C ALA C 16 -7.46 0.05 -41.04
N ILE C 17 -6.23 -0.36 -40.73
CA ILE C 17 -6.01 -1.56 -39.94
C ILE C 17 -6.59 -1.28 -38.56
N TYR C 18 -6.06 -0.21 -37.99
CA TYR C 18 -6.40 0.30 -36.68
C TYR C 18 -7.89 0.35 -36.45
N ASN C 19 -8.64 0.87 -37.42
CA ASN C 19 -10.07 1.03 -37.24
C ASN C 19 -10.81 -0.27 -37.46
N ALA C 20 -10.20 -1.18 -38.21
CA ALA C 20 -10.74 -2.52 -38.35
C ALA C 20 -10.58 -3.24 -37.00
N PHE C 21 -9.42 -3.07 -36.39
CA PHE C 21 -9.13 -3.60 -35.05
C PHE C 21 -10.13 -3.08 -34.02
N ILE C 22 -10.22 -1.76 -33.86
CA ILE C 22 -11.21 -1.15 -32.96
C ILE C 22 -12.63 -1.64 -33.22
N SER C 23 -12.94 -1.89 -34.49
CA SER C 23 -14.29 -2.33 -34.84
C SER C 23 -14.57 -3.72 -34.26
N LEU C 24 -13.56 -4.60 -34.34
CA LEU C 24 -13.68 -5.96 -33.79
C LEU C 24 -13.66 -5.97 -32.25
N LEU C 25 -12.91 -5.04 -31.66
CA LEU C 25 -12.83 -4.90 -30.22
C LEU C 25 -14.16 -4.56 -29.58
N GLN C 26 -15.17 -4.29 -30.41
CA GLN C 26 -16.48 -3.90 -29.91
C GLN C 26 -17.38 -5.15 -29.90
N GLU C 27 -16.81 -6.28 -30.33
CA GLU C 27 -17.55 -7.53 -30.39
C GLU C 27 -16.80 -8.70 -29.73
N ASN C 28 -15.47 -8.65 -29.77
CA ASN C 28 -14.64 -9.76 -29.27
C ASN C 28 -13.58 -9.31 -28.26
N ASP C 29 -13.23 -10.20 -27.32
CA ASP C 29 -12.13 -9.94 -26.42
C ASP C 29 -10.90 -9.82 -27.29
N TYR C 30 -9.93 -9.03 -26.84
CA TYR C 30 -8.65 -8.92 -27.52
C TYR C 30 -7.93 -10.27 -27.75
N SER C 31 -7.88 -11.10 -26.71
CA SER C 31 -7.15 -12.38 -26.75
C SER C 31 -7.75 -13.37 -27.75
N LYS C 32 -9.03 -13.20 -28.05
CA LYS C 32 -9.75 -14.11 -28.92
C LYS C 32 -9.89 -13.58 -30.36
N ILE C 33 -8.94 -12.76 -30.80
CA ILE C 33 -8.96 -12.33 -32.19
C ILE C 33 -7.57 -12.17 -32.79
N THR C 34 -7.40 -12.69 -34.00
CA THR C 34 -6.08 -12.75 -34.64
C THR C 34 -5.89 -11.81 -35.83
N VAL C 35 -4.62 -11.57 -36.13
CA VAL C 35 -4.21 -10.82 -37.31
C VAL C 35 -4.99 -11.11 -38.59
N GLN C 36 -5.50 -12.33 -38.76
CA GLN C 36 -6.22 -12.65 -39.99
C GLN C 36 -7.51 -11.86 -40.14
N ASP C 37 -8.23 -11.67 -39.03
CA ASP C 37 -9.51 -10.94 -39.03
C ASP C 37 -9.33 -9.46 -39.32
N VAL C 38 -8.33 -8.85 -38.69
CA VAL C 38 -8.01 -7.44 -38.89
C VAL C 38 -7.78 -7.17 -40.38
N ILE C 39 -6.81 -7.89 -40.95
CA ILE C 39 -6.50 -7.79 -42.38
C ILE C 39 -7.76 -7.95 -43.22
N GLY C 40 -8.65 -8.83 -42.78
CA GLY C 40 -9.83 -9.18 -43.57
C GLY C 40 -10.87 -8.09 -43.67
N LEU C 41 -11.01 -7.28 -42.62
CA LEU C 41 -12.05 -6.25 -42.56
C LEU C 41 -11.53 -4.89 -43.01
N ALA C 42 -10.22 -4.79 -43.19
CA ALA C 42 -9.58 -3.62 -43.79
C ALA C 42 -9.17 -3.95 -45.25
N ASN C 43 -9.70 -5.08 -45.74
CA ASN C 43 -9.34 -5.60 -47.06
C ASN C 43 -7.95 -5.18 -47.49
N VAL C 44 -7.02 -5.33 -46.56
CA VAL C 44 -5.61 -5.14 -46.84
C VAL C 44 -4.98 -6.53 -46.85
N GLY C 45 -3.68 -6.59 -47.10
CA GLY C 45 -2.99 -7.87 -47.12
C GLY C 45 -2.26 -8.16 -45.83
N ARG C 46 -1.89 -9.43 -45.65
CA ARG C 46 -1.09 -9.85 -44.51
C ARG C 46 0.28 -9.18 -44.52
N SER C 47 0.91 -9.13 -45.69
CA SER C 47 2.22 -8.48 -45.83
C SER C 47 2.18 -7.03 -45.32
N THR C 48 1.27 -6.23 -45.88
CA THR C 48 1.20 -4.83 -45.53
C THR C 48 0.92 -4.60 -44.04
N PHE C 49 0.32 -5.59 -43.38
CA PHE C 49 0.06 -5.48 -41.94
C PHE C 49 1.35 -5.43 -41.13
N TYR C 50 2.16 -6.47 -41.28
CA TYR C 50 3.45 -6.58 -40.63
C TYR C 50 4.39 -5.45 -41.02
N SER C 51 4.00 -4.71 -42.06
CA SER C 51 4.74 -3.56 -42.52
C SER C 51 4.56 -2.40 -41.58
N HIS C 52 3.40 -2.34 -40.94
CA HIS C 52 3.16 -1.29 -39.96
C HIS C 52 3.33 -1.80 -38.52
N TYR C 53 2.84 -3.01 -38.25
CA TYR C 53 2.83 -3.54 -36.89
C TYR C 53 3.53 -4.89 -36.75
N GLU C 54 4.41 -5.01 -35.77
CA GLU C 54 4.97 -6.31 -35.46
C GLU C 54 3.82 -7.28 -35.22
N SER C 55 3.18 -7.15 -34.06
CA SER C 55 2.10 -8.07 -33.69
C SER C 55 0.77 -7.36 -33.50
N LYS C 56 -0.24 -8.12 -33.08
CA LYS C 56 -1.46 -7.51 -32.60
C LYS C 56 -1.16 -6.75 -31.30
N GLU C 57 -0.20 -7.25 -30.52
CA GLU C 57 0.17 -6.63 -29.25
C GLU C 57 0.61 -5.17 -29.44
N VAL C 58 1.49 -4.94 -30.39
CA VAL C 58 1.97 -3.58 -30.60
C VAL C 58 0.82 -2.69 -31.09
N LEU C 59 -0.22 -3.31 -31.64
CA LEU C 59 -1.45 -2.64 -31.99
C LEU C 59 -2.21 -2.22 -30.72
N LEU C 60 -2.57 -3.19 -29.88
CA LEU C 60 -3.13 -2.90 -28.57
C LEU C 60 -2.27 -1.83 -27.87
N LYS C 61 -0.96 -1.97 -27.99
CA LYS C 61 -0.04 -1.08 -27.29
C LYS C 61 -0.29 0.35 -27.75
N GLU C 62 -0.59 0.52 -29.03
CA GLU C 62 -0.79 1.86 -29.60
C GLU C 62 -2.22 2.39 -29.41
N LEU C 63 -3.22 1.51 -29.44
CA LEU C 63 -4.60 1.87 -29.11
C LEU C 63 -4.63 2.50 -27.73
N CYS C 64 -3.97 1.82 -26.79
CA CYS C 64 -3.95 2.22 -25.38
C CYS C 64 -3.20 3.51 -25.19
N GLU C 65 -2.04 3.62 -25.82
CA GLU C 65 -1.29 4.86 -25.72
C GLU C 65 -2.19 5.99 -26.21
N ASP C 66 -2.82 5.76 -27.36
CA ASP C 66 -3.65 6.76 -28.01
C ASP C 66 -4.92 7.14 -27.20
N LEU C 67 -5.66 6.14 -26.74
CA LEU C 67 -6.86 6.40 -25.94
C LEU C 67 -6.56 7.24 -24.69
N PHE C 68 -5.59 6.78 -23.92
CA PHE C 68 -5.22 7.41 -22.64
C PHE C 68 -4.65 8.80 -22.86
N HIS C 69 -3.92 9.00 -23.96
CA HIS C 69 -3.42 10.33 -24.22
C HIS C 69 -4.64 11.22 -24.34
N HIS C 70 -5.72 10.70 -24.91
CA HIS C 70 -6.91 11.52 -25.09
C HIS C 70 -7.74 11.71 -23.84
N LEU C 71 -7.86 10.65 -23.05
CA LEU C 71 -8.58 10.74 -21.79
C LEU C 71 -7.87 11.61 -20.77
N PHE C 72 -6.54 11.57 -20.76
CA PHE C 72 -5.79 11.98 -19.57
C PHE C 72 -4.75 13.04 -19.78
N LYS C 73 -4.38 13.27 -21.02
CA LYS C 73 -3.11 13.96 -21.27
C LYS C 73 -3.13 15.37 -21.86
N GLN C 74 -4.28 15.87 -22.31
CA GLN C 74 -4.29 17.31 -22.56
C GLN C 74 -4.52 18.07 -21.24
N GLY C 75 -3.86 19.21 -21.08
CA GLY C 75 -4.00 20.03 -19.90
C GLY C 75 -5.00 21.14 -20.16
N ARG C 76 -6.27 20.73 -20.30
CA ARG C 76 -7.33 21.61 -20.78
C ARG C 76 -7.67 22.80 -19.89
N ASP C 77 -7.22 22.77 -18.64
CA ASP C 77 -7.52 23.85 -17.70
C ASP C 77 -9.03 23.85 -17.40
N VAL C 78 -9.55 22.67 -17.06
CA VAL C 78 -10.97 22.55 -16.70
C VAL C 78 -11.13 22.10 -15.27
N THR C 79 -12.35 22.05 -14.79
CA THR C 79 -12.55 21.63 -13.41
C THR C 79 -12.39 20.12 -13.32
N PHE C 80 -11.87 19.67 -12.19
CA PHE C 80 -11.50 18.30 -12.04
C PHE C 80 -12.67 17.38 -12.35
N GLU C 81 -13.87 17.79 -11.90
CA GLU C 81 -15.04 16.96 -12.17
C GLU C 81 -15.42 16.96 -13.65
N GLU C 82 -15.12 18.04 -14.38
CA GLU C 82 -15.25 18.02 -15.84
C GLU C 82 -14.34 16.95 -16.43
N TYR C 83 -13.04 17.02 -16.11
CA TYR C 83 -12.03 15.99 -16.39
C TYR C 83 -12.56 14.56 -16.18
N LEU C 84 -13.00 14.27 -14.97
CA LEU C 84 -13.65 13.00 -14.66
C LEU C 84 -14.86 12.71 -15.54
N VAL C 85 -15.77 13.69 -15.65
CA VAL C 85 -16.98 13.55 -16.48
C VAL C 85 -16.63 13.21 -17.94
N HIS C 86 -15.52 13.74 -18.43
CA HIS C 86 -15.13 13.59 -19.84
C HIS C 86 -14.71 12.14 -20.10
N ILE C 87 -13.90 11.58 -19.19
CA ILE C 87 -13.46 10.19 -19.23
C ILE C 87 -14.67 9.27 -19.20
N LEU C 88 -15.51 9.45 -18.19
CA LEU C 88 -16.80 8.78 -18.10
C LEU C 88 -17.59 8.82 -19.42
N LYS C 89 -17.56 9.94 -20.11
CA LYS C 89 -18.32 10.08 -21.34
C LYS C 89 -17.84 9.12 -22.44
N HIS C 90 -16.53 9.00 -22.58
CA HIS C 90 -15.93 8.11 -23.57
C HIS C 90 -16.39 6.67 -23.38
N PHE C 91 -16.57 6.28 -22.11
CA PHE C 91 -16.98 4.93 -21.76
C PHE C 91 -18.45 4.70 -22.02
N GLU C 92 -19.25 5.71 -21.74
CA GLU C 92 -20.69 5.55 -21.84
C GLU C 92 -21.02 5.27 -23.29
N GLN C 93 -20.31 5.95 -24.18
CA GLN C 93 -20.49 5.77 -25.61
C GLN C 93 -19.58 4.67 -26.25
N ASN C 94 -18.86 3.94 -25.41
CA ASN C 94 -17.90 2.93 -25.87
C ASN C 94 -17.01 3.46 -27.00
N GLN C 95 -16.60 4.72 -26.87
CA GLN C 95 -16.02 5.46 -27.97
C GLN C 95 -15.17 4.66 -28.94
N ASP C 96 -14.08 4.10 -28.44
CA ASP C 96 -13.24 3.35 -29.37
C ASP C 96 -13.16 1.93 -28.84
N SER C 97 -14.33 1.43 -28.48
CA SER C 97 -14.45 0.13 -27.86
C SER C 97 -13.70 0.16 -26.53
N ILE C 98 -13.53 1.36 -25.95
CA ILE C 98 -12.76 1.49 -24.71
C ILE C 98 -13.49 0.80 -23.55
N ALA C 99 -14.82 0.89 -23.55
CA ALA C 99 -15.64 0.26 -22.52
C ALA C 99 -15.69 -1.26 -22.73
N THR C 100 -15.69 -1.70 -23.98
CA THR C 100 -15.66 -3.13 -24.28
C THR C 100 -14.31 -3.74 -23.88
N LEU C 101 -13.26 -2.93 -23.98
CA LEU C 101 -11.92 -3.32 -23.57
C LEU C 101 -11.80 -3.46 -22.05
N LEU C 102 -12.47 -2.59 -21.29
CA LEU C 102 -12.45 -2.69 -19.82
C LEU C 102 -13.27 -3.86 -19.32
N LEU C 103 -14.48 -3.99 -19.87
CA LEU C 103 -15.42 -5.02 -19.46
C LEU C 103 -14.88 -6.44 -19.68
N SER C 104 -13.91 -6.56 -20.58
CA SER C 104 -13.36 -7.83 -20.99
C SER C 104 -12.25 -8.34 -20.07
N ASP C 105 -11.94 -7.57 -19.03
CA ASP C 105 -10.97 -7.96 -18.02
C ASP C 105 -9.64 -8.29 -18.65
N ASP C 106 -9.38 -7.69 -19.81
CA ASP C 106 -8.10 -7.90 -20.47
C ASP C 106 -6.96 -7.32 -19.64
N PRO C 107 -6.11 -8.19 -19.10
CA PRO C 107 -5.04 -7.81 -18.17
C PRO C 107 -4.20 -6.64 -18.67
N TYR C 108 -3.90 -6.55 -19.96
CA TYR C 108 -3.04 -5.47 -20.45
C TYR C 108 -3.71 -4.09 -20.36
N PHE C 109 -4.96 -4.00 -20.78
CA PHE C 109 -5.66 -2.75 -20.70
C PHE C 109 -5.88 -2.34 -19.24
N LEU C 110 -6.24 -3.29 -18.37
CA LEU C 110 -6.50 -2.88 -17.00
C LEU C 110 -5.23 -2.34 -16.36
N LEU C 111 -4.10 -2.92 -16.72
CA LEU C 111 -2.84 -2.56 -16.07
C LEU C 111 -2.46 -1.11 -16.39
N ARG C 112 -2.68 -0.73 -17.64
CA ARG C 112 -2.35 0.59 -18.11
C ARG C 112 -3.38 1.61 -17.60
N PHE C 113 -4.64 1.22 -17.60
CA PHE C 113 -5.72 2.11 -17.16
C PHE C 113 -5.49 2.50 -15.71
N ARG C 114 -5.06 1.53 -14.90
CA ARG C 114 -4.83 1.73 -13.49
C ARG C 114 -3.58 2.59 -13.24
N SER C 115 -2.57 2.44 -14.09
CA SER C 115 -1.33 3.16 -13.89
C SER C 115 -1.57 4.61 -14.28
N GLU C 116 -2.44 4.78 -15.27
CA GLU C 116 -2.82 6.11 -15.73
C GLU C 116 -3.78 6.78 -14.77
N LEU C 117 -4.73 6.03 -14.22
CA LEU C 117 -5.57 6.59 -13.17
C LEU C 117 -4.70 6.99 -11.99
N GLU C 118 -3.76 6.12 -11.66
CA GLU C 118 -2.89 6.34 -10.52
C GLU C 118 -2.20 7.70 -10.63
N HIS C 119 -1.82 8.04 -11.85
CA HIS C 119 -0.96 9.18 -12.10
C HIS C 119 -1.75 10.48 -12.25
N ASP C 120 -2.96 10.41 -12.79
CA ASP C 120 -3.69 11.62 -13.16
C ASP C 120 -5.04 11.80 -12.49
N VAL C 121 -5.49 10.78 -11.77
CA VAL C 121 -6.77 10.90 -11.06
C VAL C 121 -6.66 10.78 -9.54
N TYR C 122 -5.87 9.83 -9.05
CA TYR C 122 -5.70 9.64 -7.60
C TYR C 122 -5.25 10.89 -6.85
N PRO C 123 -4.22 11.59 -7.36
CA PRO C 123 -3.72 12.82 -6.70
C PRO C 123 -4.84 13.76 -6.26
N ARG C 124 -5.53 14.37 -7.22
CA ARG C 124 -6.66 15.26 -6.98
C ARG C 124 -7.75 14.66 -6.10
N LEU C 125 -8.14 13.43 -6.42
CA LEU C 125 -9.28 12.84 -5.76
C LEU C 125 -8.91 12.69 -4.29
N ARG C 126 -7.63 12.44 -4.05
CA ARG C 126 -7.10 12.37 -2.71
C ARG C 126 -7.13 13.71 -1.96
N GLU C 127 -6.61 14.74 -2.61
CA GLU C 127 -6.51 16.10 -2.06
C GLU C 127 -7.85 16.82 -1.81
N GLU C 128 -8.81 16.63 -2.69
CA GLU C 128 -10.01 17.47 -2.63
C GLU C 128 -11.21 16.80 -1.91
N TYR C 129 -11.13 15.48 -1.72
CA TYR C 129 -12.29 14.69 -1.28
C TYR C 129 -12.04 13.81 -0.04
N ILE C 130 -10.81 13.80 0.45
CA ILE C 130 -10.52 12.93 1.56
C ILE C 130 -9.91 13.66 2.72
N THR C 131 -10.79 13.95 3.68
CA THR C 131 -10.55 14.78 4.85
C THR C 131 -9.93 14.00 6.01
N LYS C 132 -9.88 14.64 7.18
CA LYS C 132 -9.38 14.05 8.42
C LYS C 132 -9.83 12.60 8.65
N VAL C 133 -9.01 11.62 8.27
CA VAL C 133 -9.39 10.26 8.60
C VAL C 133 -8.23 9.35 9.04
N ASP C 134 -8.52 8.50 10.02
CA ASP C 134 -7.60 7.47 10.52
C ASP C 134 -7.40 6.38 9.45
N ILE C 135 -6.90 6.78 8.28
CA ILE C 135 -6.58 5.85 7.18
C ILE C 135 -5.16 6.09 6.65
N PRO C 136 -4.41 5.01 6.38
CA PRO C 136 -3.06 4.99 5.81
C PRO C 136 -3.08 5.12 4.28
N GLU C 137 -1.97 5.61 3.72
CA GLU C 137 -1.95 6.06 2.33
C GLU C 137 -1.95 4.87 1.35
N ASP C 138 -1.26 3.81 1.72
CA ASP C 138 -1.19 2.60 0.92
C ASP C 138 -2.57 2.01 0.70
N PHE C 139 -3.31 1.96 1.79
CA PHE C 139 -4.68 1.45 1.84
C PHE C 139 -5.60 2.36 1.06
N LEU C 140 -5.46 3.67 1.29
CA LEU C 140 -6.30 4.69 0.64
C LEU C 140 -6.18 4.60 -0.86
N LYS C 141 -4.95 4.51 -1.35
CA LYS C 141 -4.72 4.45 -2.78
C LYS C 141 -5.42 3.22 -3.35
N GLN C 142 -5.26 2.11 -2.65
CA GLN C 142 -5.77 0.82 -3.09
C GLN C 142 -7.28 0.92 -3.20
N PHE C 143 -7.90 1.48 -2.19
CA PHE C 143 -9.34 1.53 -2.11
C PHE C 143 -9.99 2.48 -3.16
N LEU C 144 -9.44 3.69 -3.32
CA LEU C 144 -9.94 4.68 -4.29
C LEU C 144 -9.83 4.22 -5.77
N LEU C 145 -8.63 3.80 -6.17
CA LEU C 145 -8.43 3.26 -7.50
C LEU C 145 -9.42 2.14 -7.79
N SER C 146 -9.43 1.09 -6.95
CA SER C 146 -10.29 -0.07 -7.19
C SER C 146 -11.76 0.30 -7.21
N SER C 147 -12.17 1.21 -6.35
CA SER C 147 -13.58 1.51 -6.26
C SER C 147 -13.97 2.36 -7.46
N PHE C 148 -13.06 3.21 -7.92
CA PHE C 148 -13.34 3.92 -9.15
C PHE C 148 -13.60 2.93 -10.30
N ILE C 149 -12.68 1.98 -10.48
CA ILE C 149 -12.76 1.08 -11.64
C ILE C 149 -13.96 0.16 -11.57
N GLU C 150 -14.17 -0.44 -10.40
CA GLU C 150 -15.28 -1.36 -10.23
C GLU C 150 -16.64 -0.67 -10.34
N THR C 151 -16.73 0.61 -9.97
CA THR C 151 -17.98 1.33 -10.15
C THR C 151 -18.26 1.66 -11.63
N LEU C 152 -17.21 2.06 -12.35
CA LEU C 152 -17.21 2.16 -13.81
C LEU C 152 -17.73 0.88 -14.48
N LYS C 153 -17.11 -0.25 -14.14
CA LYS C 153 -17.54 -1.58 -14.59
C LYS C 153 -19.00 -1.88 -14.25
N TRP C 154 -19.39 -1.71 -12.99
CA TRP C 154 -20.77 -1.93 -12.61
C TRP C 154 -21.71 -1.10 -13.47
N TRP C 155 -21.41 0.20 -13.55
CA TRP C 155 -22.16 1.15 -14.36
C TRP C 155 -22.35 0.70 -15.81
N LEU C 156 -21.26 0.22 -16.42
CA LEU C 156 -21.30 -0.18 -17.81
C LEU C 156 -22.13 -1.45 -18.02
N HIS C 157 -22.35 -2.22 -16.95
CA HIS C 157 -23.10 -3.48 -17.04
C HIS C 157 -24.60 -3.31 -16.82
N GLN C 158 -25.00 -2.14 -16.33
CA GLN C 158 -26.41 -1.85 -16.13
C GLN C 158 -27.11 -1.77 -17.48
N ARG C 159 -28.30 -2.36 -17.58
CA ARG C 159 -29.09 -2.29 -18.81
C ARG C 159 -29.77 -0.93 -18.94
N GLN C 160 -29.90 -0.23 -17.81
CA GLN C 160 -30.45 1.11 -17.76
C GLN C 160 -29.49 2.04 -17.00
N LYS C 161 -28.47 2.53 -17.69
CA LYS C 161 -27.45 3.36 -17.06
C LYS C 161 -28.04 4.62 -16.46
N THR C 163 -26.97 8.75 -15.67
CA THR C 163 -26.20 9.74 -16.41
C THR C 163 -24.74 9.70 -15.98
N VAL C 164 -23.84 9.99 -16.91
CA VAL C 164 -22.46 10.29 -16.56
C VAL C 164 -22.40 11.05 -15.24
N GLU C 165 -23.25 12.08 -15.11
CA GLU C 165 -23.19 13.05 -14.04
C GLU C 165 -23.65 12.52 -12.68
N ASP C 166 -24.65 11.63 -12.70
CA ASP C 166 -25.14 11.04 -11.45
C ASP C 166 -24.22 9.94 -10.92
N LEU C 167 -23.71 9.08 -11.79
CA LEU C 167 -22.71 8.13 -11.35
C LEU C 167 -21.55 8.87 -10.70
N LEU C 168 -21.08 9.95 -11.33
CA LEU C 168 -19.93 10.66 -10.79
C LEU C 168 -20.28 11.23 -9.42
N LYS C 169 -21.49 11.78 -9.32
CA LYS C 169 -21.94 12.41 -8.08
C LYS C 169 -22.02 11.41 -6.93
N TYR C 170 -22.65 10.27 -7.20
CA TYR C 170 -22.81 9.22 -6.21
C TYR C 170 -21.48 8.56 -5.84
N TYR C 171 -20.59 8.44 -6.82
CA TYR C 171 -19.27 7.91 -6.52
C TYR C 171 -18.55 8.89 -5.59
N LEU C 172 -18.42 10.14 -6.02
CA LEU C 172 -17.75 11.14 -5.20
C LEU C 172 -18.36 11.36 -3.81
N THR C 173 -19.63 11.05 -3.63
CA THR C 173 -20.24 11.25 -2.32
C THR C 173 -20.19 9.97 -1.46
N VAL C 175 -17.34 8.07 -1.64
CA VAL C 175 -15.96 8.20 -1.18
C VAL C 175 -15.69 9.46 -0.33
N GLU C 176 -16.45 10.52 -0.55
CA GLU C 176 -16.18 11.75 0.18
C GLU C 176 -16.46 11.60 1.68
N ARG C 177 -15.50 12.01 2.49
CA ARG C 177 -15.62 11.91 3.94
C ARG C 177 -14.52 12.74 4.59
N ASN D 2 -23.89 -55.88 4.51
CA ASN D 2 -25.18 -55.43 4.01
C ASN D 2 -25.09 -54.03 3.43
N ALA D 3 -26.22 -53.32 3.41
CA ALA D 3 -26.26 -51.95 2.90
C ALA D 3 -25.26 -51.05 3.62
N VAL D 5 -22.58 -51.35 5.64
CA VAL D 5 -21.15 -51.58 5.41
C VAL D 5 -20.79 -51.21 3.99
N LYS D 6 -21.70 -51.46 3.05
CA LYS D 6 -21.48 -51.09 1.65
C LYS D 6 -21.59 -49.59 1.44
N ASP D 7 -22.47 -48.95 2.19
CA ASP D 7 -22.70 -47.51 2.05
C ASP D 7 -21.54 -46.68 2.59
N ARG D 8 -21.03 -47.06 3.75
CA ARG D 8 -19.84 -46.42 4.29
C ARG D 8 -18.69 -46.54 3.31
N GLN D 9 -18.64 -47.66 2.60
CA GLN D 9 -17.61 -47.86 1.59
C GLN D 9 -17.81 -46.87 0.45
N ILE D 10 -19.06 -46.67 0.04
CA ILE D 10 -19.39 -45.67 -0.97
C ILE D 10 -18.83 -44.30 -0.56
N GLN D 11 -19.24 -43.82 0.61
CA GLN D 11 -18.73 -42.56 1.17
C GLN D 11 -17.22 -42.50 1.27
N LYS D 12 -16.58 -43.64 1.48
CA LYS D 12 -15.15 -43.62 1.67
C LYS D 12 -14.45 -43.26 0.36
N THR D 13 -15.02 -43.64 -0.77
CA THR D 13 -14.36 -43.28 -2.01
C THR D 13 -14.79 -41.88 -2.43
N LYS D 14 -15.83 -41.36 -1.78
CA LYS D 14 -16.35 -40.02 -2.09
C LYS D 14 -15.44 -38.92 -1.58
N VAL D 15 -15.35 -38.82 -0.25
CA VAL D 15 -14.37 -37.90 0.34
C VAL D 15 -12.95 -38.27 -0.15
N ALA D 16 -12.75 -39.49 -0.61
CA ALA D 16 -11.42 -39.82 -1.11
C ALA D 16 -11.16 -39.20 -2.50
N ILE D 17 -12.23 -38.82 -3.18
CA ILE D 17 -12.12 -38.03 -4.40
C ILE D 17 -12.06 -36.54 -4.06
N TYR D 18 -12.90 -36.13 -3.12
CA TYR D 18 -12.89 -34.78 -2.57
C TYR D 18 -11.47 -34.36 -2.21
N ASN D 19 -10.92 -35.01 -1.19
CA ASN D 19 -9.62 -34.64 -0.66
C ASN D 19 -8.53 -34.64 -1.72
N ALA D 20 -8.80 -35.32 -2.82
CA ALA D 20 -7.88 -35.29 -3.97
C ALA D 20 -8.10 -34.05 -4.82
N PHE D 21 -9.34 -33.59 -4.87
CA PHE D 21 -9.73 -32.34 -5.52
C PHE D 21 -9.43 -31.15 -4.61
N ILE D 22 -8.69 -31.43 -3.53
CA ILE D 22 -8.32 -30.40 -2.55
C ILE D 22 -6.79 -30.20 -2.50
N SER D 23 -6.06 -31.21 -2.94
CA SER D 23 -4.60 -31.12 -3.03
C SER D 23 -4.19 -30.52 -4.37
N LEU D 24 -4.83 -30.99 -5.44
CA LEU D 24 -4.66 -30.41 -6.77
C LEU D 24 -5.05 -28.93 -6.80
N LEU D 25 -5.98 -28.55 -5.92
CA LEU D 25 -6.53 -27.20 -5.85
C LEU D 25 -5.65 -26.33 -4.96
N GLN D 26 -4.83 -26.99 -4.15
CA GLN D 26 -3.83 -26.33 -3.33
C GLN D 26 -2.70 -25.74 -4.19
N GLU D 27 -2.20 -26.55 -5.13
CA GLU D 27 -1.06 -26.21 -6.01
C GLU D 27 -1.45 -25.31 -7.17
N ASN D 28 -2.11 -25.88 -8.17
CA ASN D 28 -2.67 -25.10 -9.27
C ASN D 28 -4.09 -24.69 -8.91
N ASP D 29 -4.92 -24.49 -9.92
CA ASP D 29 -6.29 -24.03 -9.68
C ASP D 29 -7.28 -24.65 -10.63
N TYR D 30 -8.56 -24.43 -10.35
CA TYR D 30 -9.68 -25.09 -11.03
C TYR D 30 -9.52 -25.34 -12.54
N SER D 31 -9.39 -24.26 -13.31
CA SER D 31 -9.49 -24.34 -14.77
C SER D 31 -8.41 -25.20 -15.46
N LYS D 32 -7.29 -25.41 -14.78
CA LYS D 32 -6.17 -26.12 -15.37
C LYS D 32 -6.14 -27.56 -14.89
N ILE D 33 -7.28 -28.02 -14.39
CA ILE D 33 -7.37 -29.32 -13.75
C ILE D 33 -8.42 -30.22 -14.40
N THR D 34 -8.05 -31.46 -14.66
CA THR D 34 -8.97 -32.40 -15.28
C THR D 34 -9.40 -33.51 -14.33
N VAL D 35 -10.46 -34.21 -14.72
CA VAL D 35 -10.88 -35.42 -14.03
C VAL D 35 -9.71 -36.41 -13.96
N GLN D 36 -8.98 -36.55 -15.07
CA GLN D 36 -7.82 -37.44 -15.11
C GLN D 36 -6.81 -37.14 -14.00
N ASP D 37 -6.68 -35.87 -13.63
CA ASP D 37 -5.83 -35.47 -12.51
C ASP D 37 -6.37 -35.97 -11.18
N VAL D 38 -7.69 -35.87 -11.03
CA VAL D 38 -8.35 -36.29 -9.80
C VAL D 38 -8.31 -37.79 -9.62
N ILE D 39 -8.85 -38.50 -10.62
CA ILE D 39 -8.73 -39.96 -10.75
C ILE D 39 -7.34 -40.46 -10.36
N GLY D 40 -6.31 -39.76 -10.85
CA GLY D 40 -4.93 -40.12 -10.57
C GLY D 40 -4.62 -40.17 -9.09
N LEU D 41 -4.96 -39.09 -8.39
CA LEU D 41 -4.72 -38.98 -6.96
C LEU D 41 -5.56 -39.96 -6.17
N ALA D 42 -6.87 -39.96 -6.43
CA ALA D 42 -7.81 -40.80 -5.70
C ALA D 42 -7.66 -42.26 -6.13
N ASN D 43 -6.82 -42.48 -7.12
CA ASN D 43 -6.60 -43.80 -7.67
C ASN D 43 -7.95 -44.51 -7.81
N VAL D 44 -8.81 -43.95 -8.65
CA VAL D 44 -10.12 -44.55 -8.85
C VAL D 44 -10.54 -44.59 -10.32
N GLY D 45 -11.58 -45.37 -10.62
CA GLY D 45 -12.01 -45.55 -12.00
C GLY D 45 -12.71 -44.31 -12.53
N ARG D 46 -12.92 -44.25 -13.83
CA ARG D 46 -13.65 -43.13 -14.39
C ARG D 46 -15.15 -43.30 -14.12
N SER D 47 -15.64 -44.51 -14.23
CA SER D 47 -17.04 -44.78 -13.93
C SER D 47 -17.34 -44.57 -12.44
N THR D 48 -16.32 -44.66 -11.60
CA THR D 48 -16.53 -44.53 -10.17
C THR D 48 -16.50 -43.07 -9.74
N PHE D 49 -15.80 -42.26 -10.53
CA PHE D 49 -15.83 -40.81 -10.36
C PHE D 49 -17.18 -40.24 -10.78
N TYR D 50 -17.68 -40.71 -11.92
CA TYR D 50 -18.98 -40.31 -12.45
C TYR D 50 -20.18 -40.80 -11.65
N SER D 51 -19.94 -41.76 -10.75
CA SER D 51 -20.99 -42.28 -9.88
C SER D 51 -21.05 -41.43 -8.61
N HIS D 52 -20.11 -40.50 -8.47
CA HIS D 52 -20.10 -39.58 -7.35
C HIS D 52 -20.26 -38.15 -7.81
N TYR D 53 -19.52 -37.78 -8.85
CA TYR D 53 -19.57 -36.42 -9.39
C TYR D 53 -19.80 -36.38 -10.91
N GLU D 54 -20.94 -35.81 -11.32
CA GLU D 54 -21.25 -35.61 -12.73
C GLU D 54 -20.11 -34.94 -13.49
N SER D 55 -19.46 -33.96 -12.88
CA SER D 55 -18.35 -33.29 -13.55
C SER D 55 -17.37 -32.76 -12.51
N LYS D 56 -16.15 -32.43 -12.90
CA LYS D 56 -15.26 -31.76 -11.97
C LYS D 56 -15.89 -30.43 -11.65
N GLU D 57 -16.99 -30.16 -12.34
CA GLU D 57 -17.81 -28.98 -12.07
C GLU D 57 -18.40 -29.04 -10.66
N VAL D 58 -19.09 -30.14 -10.36
CA VAL D 58 -19.81 -30.25 -9.09
C VAL D 58 -18.89 -30.36 -7.87
N LEU D 59 -17.59 -30.49 -8.09
CA LEU D 59 -16.65 -30.57 -6.98
C LEU D 59 -16.36 -29.20 -6.44
N LEU D 60 -16.19 -28.22 -7.33
CA LEU D 60 -15.99 -26.83 -6.91
C LEU D 60 -17.22 -26.32 -6.16
N LYS D 61 -18.38 -26.75 -6.65
CA LYS D 61 -19.67 -26.46 -6.07
C LYS D 61 -19.77 -26.97 -4.61
N GLU D 62 -19.50 -28.26 -4.39
CA GLU D 62 -19.52 -28.81 -3.05
C GLU D 62 -18.43 -28.19 -2.19
N LEU D 63 -17.31 -27.83 -2.79
CA LEU D 63 -16.23 -27.28 -1.98
C LEU D 63 -16.63 -25.88 -1.51
N CYS D 64 -17.20 -25.10 -2.42
CA CYS D 64 -17.69 -23.78 -2.05
C CYS D 64 -18.71 -23.81 -0.92
N GLU D 65 -19.75 -24.64 -1.05
CA GLU D 65 -20.82 -24.62 -0.07
C GLU D 65 -20.30 -25.01 1.30
N ASP D 66 -19.27 -25.83 1.31
CA ASP D 66 -18.72 -26.35 2.55
C ASP D 66 -17.90 -25.25 3.21
N LEU D 67 -16.99 -24.66 2.45
CA LEU D 67 -16.19 -23.57 2.96
C LEU D 67 -17.12 -22.43 3.41
N PHE D 68 -18.11 -22.10 2.59
CA PHE D 68 -18.99 -20.96 2.88
C PHE D 68 -19.95 -21.24 4.00
N HIS D 69 -20.23 -22.52 4.22
CA HIS D 69 -21.07 -22.91 5.35
C HIS D 69 -20.37 -22.56 6.67
N HIS D 70 -19.06 -22.84 6.79
CA HIS D 70 -18.38 -22.49 8.05
C HIS D 70 -18.12 -20.99 8.18
N LEU D 71 -17.67 -20.39 7.07
CA LEU D 71 -17.47 -18.95 7.02
C LEU D 71 -18.70 -18.18 7.49
N PHE D 72 -19.85 -18.46 6.91
CA PHE D 72 -21.01 -17.58 7.09
C PHE D 72 -22.11 -18.14 7.97
N LYS D 73 -21.83 -19.21 8.68
CA LYS D 73 -22.82 -19.72 9.62
C LYS D 73 -22.99 -18.74 10.77
N GLN D 74 -24.00 -17.89 10.66
CA GLN D 74 -24.41 -17.07 11.80
C GLN D 74 -25.15 -17.98 12.79
N GLY D 75 -24.48 -19.06 13.17
CA GLY D 75 -24.90 -19.86 14.29
C GLY D 75 -24.22 -19.29 15.53
N ARG D 76 -22.89 -19.26 15.52
CA ARG D 76 -22.14 -18.57 16.54
C ARG D 76 -22.67 -17.14 16.64
N ASP D 77 -23.59 -16.92 17.58
CA ASP D 77 -24.20 -15.61 17.76
C ASP D 77 -23.23 -14.63 18.43
N VAL D 78 -22.30 -14.11 17.66
CA VAL D 78 -21.38 -13.11 18.18
C VAL D 78 -21.74 -11.75 17.63
N THR D 79 -20.97 -10.75 18.03
CA THR D 79 -21.17 -9.40 17.55
C THR D 79 -20.93 -9.43 16.05
N PHE D 80 -21.41 -8.40 15.36
CA PHE D 80 -21.19 -8.31 13.94
C PHE D 80 -19.69 -8.22 13.62
N GLU D 81 -18.97 -7.35 14.32
CA GLU D 81 -17.55 -7.15 13.99
C GLU D 81 -16.68 -8.37 14.29
N GLU D 82 -17.19 -9.26 15.14
CA GLU D 82 -16.51 -10.51 15.45
C GLU D 82 -16.87 -11.52 14.37
N TYR D 83 -18.03 -11.32 13.75
CA TYR D 83 -18.50 -12.20 12.69
C TYR D 83 -17.59 -12.06 11.48
N LEU D 84 -17.18 -10.81 11.23
CA LEU D 84 -16.23 -10.47 10.16
C LEU D 84 -14.82 -10.92 10.48
N VAL D 85 -14.35 -10.62 11.68
CA VAL D 85 -12.96 -10.89 12.04
C VAL D 85 -12.67 -12.40 11.99
N HIS D 86 -13.67 -13.21 12.27
CA HIS D 86 -13.54 -14.64 12.05
C HIS D 86 -13.29 -14.89 10.57
N ILE D 87 -14.30 -14.61 9.76
CA ILE D 87 -14.21 -14.63 8.29
C ILE D 87 -12.85 -14.23 7.69
N LEU D 88 -12.29 -13.12 8.15
CA LEU D 88 -11.04 -12.58 7.60
C LEU D 88 -9.84 -13.42 8.04
N LYS D 89 -9.80 -13.75 9.32
CA LYS D 89 -8.79 -14.63 9.88
C LYS D 89 -8.67 -15.90 9.01
N HIS D 90 -9.81 -16.38 8.53
CA HIS D 90 -9.83 -17.59 7.72
C HIS D 90 -9.00 -17.41 6.47
N PHE D 91 -8.95 -16.17 5.98
CA PHE D 91 -8.25 -15.88 4.75
C PHE D 91 -6.74 -15.68 4.97
N GLU D 92 -6.33 -15.08 6.10
CA GLU D 92 -4.89 -14.91 6.32
C GLU D 92 -4.20 -16.24 6.73
N GLN D 93 -4.94 -17.13 7.38
CA GLN D 93 -4.39 -18.43 7.76
C GLN D 93 -4.65 -19.41 6.62
N ASN D 94 -5.31 -18.92 5.58
CA ASN D 94 -5.55 -19.64 4.33
C ASN D 94 -6.29 -20.99 4.48
N GLN D 95 -7.40 -20.95 5.20
CA GLN D 95 -8.13 -22.15 5.60
C GLN D 95 -8.71 -22.88 4.41
N ASP D 96 -8.40 -24.17 4.31
CA ASP D 96 -8.91 -24.99 3.23
C ASP D 96 -8.71 -24.26 1.91
N SER D 97 -7.52 -23.67 1.74
CA SER D 97 -7.10 -23.05 0.48
C SER D 97 -8.00 -21.86 0.05
N ILE D 98 -8.71 -21.30 1.03
CA ILE D 98 -9.72 -20.26 0.79
C ILE D 98 -9.16 -19.00 0.07
N ALA D 99 -7.92 -18.64 0.37
CA ALA D 99 -7.28 -17.47 -0.22
C ALA D 99 -6.69 -17.78 -1.59
N THR D 100 -6.19 -19.00 -1.75
CA THR D 100 -5.67 -19.42 -3.03
C THR D 100 -6.80 -19.32 -4.03
N LEU D 101 -7.98 -19.82 -3.67
CA LEU D 101 -9.13 -19.76 -4.57
C LEU D 101 -9.53 -18.33 -4.89
N LEU D 102 -9.42 -17.44 -3.90
CA LEU D 102 -9.81 -16.06 -4.09
C LEU D 102 -8.88 -15.39 -5.10
N LEU D 103 -7.58 -15.70 -4.96
CA LEU D 103 -6.55 -15.10 -5.79
C LEU D 103 -6.52 -15.69 -7.20
N SER D 104 -7.11 -16.87 -7.35
CA SER D 104 -7.02 -17.64 -8.60
C SER D 104 -7.81 -17.07 -9.77
N ASP D 105 -8.54 -15.97 -9.54
CA ASP D 105 -9.35 -15.32 -10.58
C ASP D 105 -10.61 -16.12 -10.96
N ASP D 106 -10.65 -17.39 -10.58
CA ASP D 106 -11.72 -18.27 -10.99
C ASP D 106 -13.09 -17.61 -10.84
N PRO D 107 -13.80 -17.46 -11.97
CA PRO D 107 -15.09 -16.79 -11.97
C PRO D 107 -16.13 -17.50 -11.10
N TYR D 108 -16.17 -18.84 -11.09
CA TYR D 108 -17.17 -19.56 -10.31
C TYR D 108 -17.10 -19.21 -8.82
N PHE D 109 -15.89 -19.30 -8.27
CA PHE D 109 -15.66 -19.07 -6.86
C PHE D 109 -16.03 -17.64 -6.39
N LEU D 110 -15.66 -16.65 -7.19
CA LEU D 110 -15.95 -15.25 -6.86
C LEU D 110 -17.45 -14.97 -6.92
N LEU D 111 -18.08 -15.40 -8.00
CA LEU D 111 -19.52 -15.29 -8.13
C LEU D 111 -20.19 -15.88 -6.90
N ARG D 112 -19.57 -16.90 -6.32
CA ARG D 112 -20.13 -17.59 -5.17
C ARG D 112 -19.82 -16.89 -3.85
N PHE D 113 -18.60 -16.37 -3.74
CA PHE D 113 -18.19 -15.69 -2.54
C PHE D 113 -18.97 -14.39 -2.40
N ARG D 114 -19.26 -13.78 -3.54
CA ARG D 114 -19.99 -12.53 -3.58
C ARG D 114 -21.48 -12.73 -3.31
N SER D 115 -22.03 -13.85 -3.77
CA SER D 115 -23.45 -14.06 -3.55
C SER D 115 -23.71 -14.26 -2.06
N GLU D 116 -22.79 -14.97 -1.41
CA GLU D 116 -22.85 -15.23 0.04
C GLU D 116 -22.69 -13.94 0.84
N LEU D 117 -21.88 -13.03 0.31
CA LEU D 117 -21.68 -11.74 0.96
C LEU D 117 -22.95 -10.90 0.90
N GLU D 118 -23.75 -11.13 -0.14
CA GLU D 118 -24.94 -10.33 -0.41
C GLU D 118 -26.03 -10.72 0.58
N HIS D 119 -26.10 -12.02 0.88
CA HIS D 119 -27.17 -12.52 1.71
C HIS D 119 -26.83 -12.47 3.22
N ASP D 120 -25.57 -12.66 3.56
CA ASP D 120 -25.18 -12.82 4.97
C ASP D 120 -24.43 -11.64 5.59
N VAL D 121 -23.72 -10.88 4.77
CA VAL D 121 -22.94 -9.76 5.28
C VAL D 121 -23.49 -8.38 4.91
N TYR D 122 -23.87 -8.20 3.66
CA TYR D 122 -24.37 -6.90 3.17
C TYR D 122 -25.42 -6.24 4.07
N PRO D 123 -26.50 -6.99 4.42
CA PRO D 123 -27.57 -6.44 5.25
C PRO D 123 -27.05 -5.72 6.49
N ARG D 124 -26.30 -6.45 7.32
CA ARG D 124 -25.79 -5.91 8.59
C ARG D 124 -24.72 -4.82 8.39
N LEU D 125 -23.87 -4.98 7.38
CA LEU D 125 -22.85 -3.97 7.12
C LEU D 125 -23.54 -2.68 6.74
N ARG D 126 -24.63 -2.80 6.00
CA ARG D 126 -25.39 -1.63 5.56
C ARG D 126 -26.30 -1.08 6.65
N GLU D 127 -26.67 -1.93 7.60
CA GLU D 127 -27.52 -1.52 8.73
C GLU D 127 -26.77 -0.66 9.74
N GLU D 128 -25.67 -1.18 10.27
CA GLU D 128 -24.88 -0.43 11.25
C GLU D 128 -24.14 0.71 10.59
N TYR D 129 -23.50 0.44 9.46
CA TYR D 129 -22.49 1.37 8.95
C TYR D 129 -22.94 2.34 7.88
N ILE D 130 -24.19 2.27 7.45
CA ILE D 130 -24.72 3.31 6.55
C ILE D 130 -26.07 3.87 7.00
N THR D 131 -26.12 5.19 7.13
CA THR D 131 -27.20 5.86 7.87
C THR D 131 -28.05 6.87 7.08
N LYS D 132 -28.02 6.78 5.75
CA LYS D 132 -28.88 7.64 4.92
C LYS D 132 -29.23 7.11 3.53
N VAL D 133 -30.39 7.55 3.05
CA VAL D 133 -30.85 7.30 1.69
C VAL D 133 -30.14 8.26 0.74
N ASP D 134 -29.06 8.85 1.25
CA ASP D 134 -28.18 9.73 0.49
C ASP D 134 -27.92 9.22 -0.94
N ILE D 135 -27.61 7.93 -1.03
CA ILE D 135 -27.18 7.29 -2.27
C ILE D 135 -28.20 6.19 -2.60
N PRO D 136 -28.40 5.89 -3.90
CA PRO D 136 -29.31 4.80 -4.28
C PRO D 136 -28.85 3.44 -3.72
N GLU D 137 -29.81 2.52 -3.57
CA GLU D 137 -29.53 1.22 -2.97
C GLU D 137 -28.72 0.30 -3.88
N ASP D 138 -29.01 0.31 -5.17
CA ASP D 138 -28.21 -0.46 -6.11
C ASP D 138 -26.73 0.01 -6.12
N PHE D 139 -26.52 1.32 -6.10
CA PHE D 139 -25.15 1.86 -6.04
C PHE D 139 -24.46 1.56 -4.69
N LEU D 140 -25.18 1.66 -3.58
CA LEU D 140 -24.60 1.34 -2.26
C LEU D 140 -24.10 -0.10 -2.25
N LYS D 141 -25.02 -1.02 -2.55
CA LYS D 141 -24.75 -2.46 -2.59
C LYS D 141 -23.51 -2.77 -3.43
N GLN D 142 -23.50 -2.29 -4.68
CA GLN D 142 -22.37 -2.57 -5.57
C GLN D 142 -21.07 -2.12 -4.94
N PHE D 143 -21.04 -0.86 -4.51
CA PHE D 143 -19.84 -0.25 -3.97
C PHE D 143 -19.30 -1.03 -2.78
N LEU D 144 -20.15 -1.19 -1.77
CA LEU D 144 -19.77 -1.88 -0.52
C LEU D 144 -19.20 -3.31 -0.77
N LEU D 145 -19.97 -4.16 -1.44
CA LEU D 145 -19.57 -5.51 -1.78
C LEU D 145 -18.23 -5.60 -2.52
N SER D 146 -18.07 -4.78 -3.57
CA SER D 146 -16.83 -4.73 -4.35
C SER D 146 -15.64 -4.23 -3.54
N SER D 147 -15.85 -3.20 -2.72
CA SER D 147 -14.73 -2.63 -1.97
C SER D 147 -14.29 -3.58 -0.87
N PHE D 148 -15.22 -4.43 -0.42
CA PHE D 148 -14.84 -5.46 0.54
C PHE D 148 -14.00 -6.58 -0.10
N ILE D 149 -14.47 -7.09 -1.23
CA ILE D 149 -13.69 -8.06 -1.98
C ILE D 149 -12.35 -7.49 -2.39
N GLU D 150 -12.32 -6.29 -2.95
CA GLU D 150 -11.07 -5.77 -3.50
C GLU D 150 -10.06 -5.45 -2.41
N THR D 151 -10.55 -5.19 -1.21
CA THR D 151 -9.66 -4.97 -0.07
C THR D 151 -9.15 -6.30 0.45
N LEU D 152 -10.02 -7.31 0.46
CA LEU D 152 -9.58 -8.65 0.80
C LEU D 152 -8.43 -9.07 -0.11
N LYS D 153 -8.62 -8.98 -1.44
CA LYS D 153 -7.59 -9.40 -2.40
C LYS D 153 -6.30 -8.62 -2.21
N TRP D 154 -6.40 -7.29 -2.20
CA TRP D 154 -5.22 -6.44 -2.09
C TRP D 154 -4.40 -6.81 -0.87
N TRP D 155 -5.10 -7.19 0.19
CA TRP D 155 -4.46 -7.52 1.44
C TRP D 155 -3.63 -8.79 1.26
N LEU D 156 -4.20 -9.80 0.62
CA LEU D 156 -3.47 -11.06 0.48
C LEU D 156 -2.18 -10.88 -0.32
N HIS D 157 -2.16 -9.93 -1.25
CA HIS D 157 -0.97 -9.70 -2.06
C HIS D 157 0.15 -8.95 -1.34
N GLN D 158 -0.14 -8.39 -0.18
CA GLN D 158 0.92 -7.71 0.55
C GLN D 158 1.90 -8.71 1.16
N ARG D 159 3.17 -8.57 0.78
CA ARG D 159 4.27 -9.42 1.26
C ARG D 159 4.23 -9.49 2.78
N GLN D 160 4.53 -8.36 3.42
CA GLN D 160 4.31 -8.18 4.85
C GLN D 160 2.89 -7.68 5.01
N LYS D 161 1.99 -8.54 5.45
CA LYS D 161 0.57 -8.20 5.50
C LYS D 161 0.27 -7.20 6.61
N THR D 163 -2.87 -6.51 10.01
CA THR D 163 -3.67 -7.35 10.89
C THR D 163 -5.14 -7.35 10.48
N VAL D 164 -5.73 -8.54 10.51
CA VAL D 164 -7.18 -8.71 10.51
C VAL D 164 -7.90 -7.53 11.18
N GLU D 165 -7.49 -7.19 12.41
CA GLU D 165 -8.15 -6.12 13.16
C GLU D 165 -8.06 -4.77 12.47
N ASP D 166 -6.86 -4.39 12.07
CA ASP D 166 -6.64 -3.09 11.48
C ASP D 166 -7.31 -2.97 10.11
N LEU D 167 -7.17 -4.02 9.30
CA LEU D 167 -7.67 -4.00 7.94
C LEU D 167 -9.17 -3.79 7.94
N LEU D 168 -9.88 -4.48 8.83
CA LEU D 168 -11.31 -4.28 8.93
C LEU D 168 -11.66 -2.89 9.45
N LYS D 169 -10.77 -2.31 10.25
CA LYS D 169 -11.02 -1.00 10.81
C LYS D 169 -10.88 0.06 9.73
N TYR D 170 -9.82 -0.07 8.94
CA TYR D 170 -9.54 0.88 7.88
C TYR D 170 -10.56 0.75 6.78
N TYR D 171 -11.10 -0.45 6.60
CA TYR D 171 -12.16 -0.62 5.62
C TYR D 171 -13.44 0.10 6.05
N LEU D 172 -13.88 -0.12 7.27
CA LEU D 172 -15.15 0.47 7.71
C LEU D 172 -15.06 2.01 7.68
N THR D 173 -13.92 2.54 8.08
CA THR D 173 -13.78 3.98 8.14
C THR D 173 -13.60 4.64 6.78
N VAL D 175 -16.12 3.42 4.41
CA VAL D 175 -17.44 3.10 3.89
C VAL D 175 -18.60 3.64 4.74
N GLU D 176 -18.38 3.74 6.04
CA GLU D 176 -19.31 4.40 6.97
C GLU D 176 -19.99 5.69 6.47
N ARG D 177 -21.24 5.88 6.89
CA ARG D 177 -21.95 7.12 6.58
C ARG D 177 -23.28 7.19 7.32
#